data_5CO5
#
_entry.id   5CO5
#
_cell.length_a   78.585
_cell.length_b   84.941
_cell.length_c   208.601
_cell.angle_alpha   90.00
_cell.angle_beta   90.00
_cell.angle_gamma   90.00
#
_symmetry.space_group_name_H-M   'P 21 21 21'
#
loop_
_entity.id
_entity.type
_entity.pdbx_description
1 polymer 'Soluble acetylcholine receptor'
2 polymer 'Alpha-conotoxin GIC'
3 water water
#
loop_
_entity_poly.entity_id
_entity_poly.type
_entity_poly.pdbx_seq_one_letter_code
_entity_poly.pdbx_strand_id
1 'polypeptide(L)'
;MLVSVYLALLVACVGQAHSQANLMRLKSDLFNRSPMYPGPTKDDPLTVTLGFTLQDIVKVDSSTNEVDLVYYEQQRWKLN
SLMWDPNEYGNITDFRTSAADIWTPDITAYSSTRPVQVLSPQIAVVTHDGSVMFIPAQRLSFMCDPTGVDSEEGVTCAVK
FGSWVYSGFEIDLKTDTDQVDLSSYYASSKYEILSATQTRQVQHYSCCPEPYIDVNLVVKFRERRAGNGFFRNLFD
;
A,B,D,G,I
2 'polypeptide(L)' GCCSHPACAGNNQHIC(NH2) F,C,E,H,J
#
# COMPACT_ATOMS: atom_id res chain seq x y z
N SER A 19 -19.57 -33.74 -0.25
CA SER A 19 -19.58 -32.69 -1.26
C SER A 19 -18.54 -31.60 -0.98
N GLN A 20 -18.54 -31.08 0.24
CA GLN A 20 -17.47 -30.17 0.64
C GLN A 20 -16.15 -30.93 0.73
N ALA A 21 -16.22 -32.21 1.04
CA ALA A 21 -15.02 -33.05 1.05
C ALA A 21 -14.48 -33.14 -0.37
N ASN A 22 -15.40 -33.40 -1.31
CA ASN A 22 -15.05 -33.56 -2.72
C ASN A 22 -14.38 -32.33 -3.31
N LEU A 23 -14.87 -31.14 -2.94
CA LEU A 23 -14.32 -29.89 -3.44
C LEU A 23 -12.90 -29.66 -2.92
N MET A 24 -12.70 -29.86 -1.61
CA MET A 24 -11.37 -29.78 -1.02
C MET A 24 -10.39 -30.70 -1.73
N ARG A 25 -10.84 -31.91 -2.04
CA ARG A 25 -10.00 -32.88 -2.71
C ARG A 25 -9.68 -32.41 -4.11
N LEU A 26 -10.69 -31.88 -4.81
CA LEU A 26 -10.50 -31.37 -6.16
C LEU A 26 -9.42 -30.28 -6.19
N LYS A 27 -9.53 -29.30 -5.30
CA LYS A 27 -8.57 -28.21 -5.28
C LYS A 27 -7.16 -28.70 -4.92
N SER A 28 -7.07 -29.62 -3.95
CA SER A 28 -5.81 -30.30 -3.65
C SER A 28 -5.21 -30.96 -4.88
N ASP A 29 -6.01 -31.77 -5.57
CA ASP A 29 -5.48 -32.47 -6.74
C ASP A 29 -4.99 -31.51 -7.82
N LEU A 30 -5.69 -30.39 -7.99
CA LEU A 30 -5.34 -29.45 -9.06
C LEU A 30 -4.18 -28.51 -8.72
N PHE A 31 -4.13 -28.07 -7.47
CA PHE A 31 -3.20 -26.98 -7.10
C PHE A 31 -1.93 -27.41 -6.35
N ASN A 32 -2.06 -28.32 -5.38
CA ASN A 32 -0.92 -28.75 -4.56
C ASN A 32 -0.08 -29.85 -5.20
N ARG A 33 -0.74 -30.68 -6.01
CA ARG A 33 -0.07 -31.76 -6.74
C ARG A 33 0.90 -31.33 -7.81
N SER A 34 0.60 -30.20 -8.43
CA SER A 34 1.30 -29.83 -9.64
C SER A 34 2.13 -28.58 -9.47
N PRO A 35 3.21 -28.45 -10.26
CA PRO A 35 3.82 -27.13 -10.19
C PRO A 35 2.86 -26.19 -10.90
N MET A 36 2.88 -24.90 -10.58
CA MET A 36 1.96 -23.96 -11.23
C MET A 36 2.28 -23.89 -12.72
N TYR A 37 1.22 -23.74 -13.51
CA TYR A 37 1.31 -23.45 -14.93
C TYR A 37 2.29 -22.31 -15.16
N PRO A 38 3.33 -22.54 -15.98
CA PRO A 38 4.40 -21.57 -16.18
C PRO A 38 4.05 -20.54 -17.25
N GLY A 39 2.82 -20.59 -17.74
CA GLY A 39 2.42 -19.71 -18.80
C GLY A 39 2.52 -20.41 -20.14
N PRO A 40 1.96 -19.77 -21.18
CA PRO A 40 1.94 -20.30 -22.54
C PRO A 40 3.29 -20.17 -23.23
N THR A 41 3.50 -20.99 -24.25
CA THR A 41 4.68 -20.92 -25.12
C THR A 41 4.24 -21.02 -26.58
N LYS A 42 5.19 -20.97 -27.51
CA LYS A 42 4.84 -21.03 -28.92
C LYS A 42 4.45 -22.46 -29.23
N ASP A 43 4.92 -23.39 -28.39
CA ASP A 43 4.58 -24.79 -28.52
C ASP A 43 3.15 -25.04 -27.99
N ASP A 44 2.84 -24.41 -26.87
CA ASP A 44 1.52 -24.58 -26.26
C ASP A 44 0.84 -23.21 -26.09
N PRO A 45 0.36 -22.62 -27.18
CA PRO A 45 -0.18 -21.26 -27.05
C PRO A 45 -1.53 -21.25 -26.33
N LEU A 46 -2.04 -20.05 -26.09
CA LEU A 46 -3.26 -19.90 -25.34
C LEU A 46 -4.12 -18.82 -25.97
N THR A 47 -5.45 -19.02 -25.97
CA THR A 47 -6.35 -17.96 -26.43
C THR A 47 -7.02 -17.29 -25.24
N VAL A 48 -6.90 -15.97 -25.17
CA VAL A 48 -7.58 -15.19 -24.14
C VAL A 48 -8.67 -14.37 -24.79
N THR A 49 -9.90 -14.54 -24.31
CA THR A 49 -11.02 -13.76 -24.78
C THR A 49 -11.30 -12.62 -23.82
N LEU A 50 -11.40 -11.42 -24.39
CA LEU A 50 -11.56 -10.17 -23.67
C LEU A 50 -12.87 -9.48 -23.99
N GLY A 51 -13.50 -8.85 -23.00
CA GLY A 51 -14.71 -8.07 -23.21
C GLY A 51 -14.87 -6.99 -22.14
N PHE A 52 -15.38 -5.82 -22.50
CA PHE A 52 -15.55 -4.74 -21.50
C PHE A 52 -17.01 -4.42 -21.29
N THR A 53 -17.34 -4.11 -20.04
CA THR A 53 -18.64 -3.61 -19.65
C THR A 53 -18.41 -2.24 -19.03
N LEU A 54 -18.80 -1.17 -19.72
CA LEU A 54 -18.51 0.17 -19.21
C LEU A 54 -19.58 0.63 -18.21
N GLN A 55 -19.16 0.99 -16.99
CA GLN A 55 -20.11 1.43 -15.99
C GLN A 55 -20.24 2.94 -16.01
N ASP A 56 -19.11 3.64 -16.09
CA ASP A 56 -19.15 5.10 -16.17
C ASP A 56 -17.83 5.71 -16.58
N ILE A 57 -17.92 6.91 -17.16
CA ILE A 57 -16.77 7.80 -17.30
C ILE A 57 -16.79 8.71 -16.06
N VAL A 58 -15.80 8.55 -15.18
CA VAL A 58 -15.91 9.15 -13.86
C VAL A 58 -15.07 10.42 -13.71
N LYS A 59 -14.20 10.71 -14.67
CA LYS A 59 -13.41 11.94 -14.61
C LYS A 59 -12.89 12.33 -15.98
N VAL A 60 -12.92 13.63 -16.27
CA VAL A 60 -12.38 14.13 -17.51
C VAL A 60 -11.51 15.35 -17.18
N ASP A 61 -10.23 15.26 -17.48
CA ASP A 61 -9.30 16.31 -17.08
C ASP A 61 -8.62 16.94 -18.30
N SER A 62 -9.11 18.11 -18.70
CA SER A 62 -8.63 18.79 -19.89
C SER A 62 -7.29 19.48 -19.67
N SER A 63 -6.90 19.70 -18.41
CA SER A 63 -5.64 20.37 -18.14
C SER A 63 -4.45 19.42 -18.27
N THR A 64 -4.67 18.12 -18.08
CA THR A 64 -3.61 17.13 -18.20
C THR A 64 -3.87 16.08 -19.27
N ASN A 65 -5.04 16.16 -19.90
CA ASN A 65 -5.47 15.19 -20.91
C ASN A 65 -5.50 13.77 -20.35
N GLU A 66 -6.28 13.60 -19.28
CA GLU A 66 -6.46 12.30 -18.63
C GLU A 66 -7.97 12.03 -18.49
N VAL A 67 -8.40 10.82 -18.83
CA VAL A 67 -9.80 10.44 -18.62
C VAL A 67 -9.83 9.18 -17.74
N ASP A 68 -10.78 9.11 -16.81
CA ASP A 68 -10.93 7.95 -15.94
C ASP A 68 -12.17 7.15 -16.28
N LEU A 69 -12.01 5.84 -16.46
CA LEU A 69 -13.12 4.93 -16.71
C LEU A 69 -13.32 3.96 -15.56
N VAL A 70 -14.57 3.58 -15.31
CA VAL A 70 -14.84 2.44 -14.44
C VAL A 70 -15.53 1.39 -15.29
N TYR A 71 -14.99 0.18 -15.30
CA TYR A 71 -15.54 -0.89 -16.12
C TYR A 71 -15.29 -2.26 -15.49
N TYR A 72 -16.00 -3.25 -16.01
CA TYR A 72 -15.73 -4.65 -15.72
C TYR A 72 -14.98 -5.25 -16.90
N GLU A 73 -13.84 -5.89 -16.65
CA GLU A 73 -13.06 -6.50 -17.71
C GLU A 73 -13.17 -8.01 -17.63
N GLN A 74 -13.89 -8.61 -18.56
CA GLN A 74 -14.05 -10.05 -18.54
C GLN A 74 -12.93 -10.71 -19.33
N GLN A 75 -12.23 -11.64 -18.68
CA GLN A 75 -11.18 -12.40 -19.33
C GLN A 75 -11.48 -13.88 -19.21
N ARG A 76 -11.32 -14.59 -20.30
CA ARG A 76 -11.59 -16.02 -20.31
C ARG A 76 -10.47 -16.74 -21.06
N TRP A 77 -9.99 -17.84 -20.49
CA TRP A 77 -9.02 -18.69 -21.18
C TRP A 77 -9.27 -20.12 -20.75
N LYS A 78 -8.54 -21.07 -21.31
CA LYS A 78 -8.75 -22.48 -21.00
C LYS A 78 -7.41 -23.21 -20.84
N LEU A 79 -7.26 -23.98 -19.76
CA LEU A 79 -6.04 -24.78 -19.53
C LEU A 79 -6.35 -26.27 -19.39
N ASN A 80 -5.64 -27.10 -20.15
CA ASN A 80 -5.77 -28.54 -20.01
C ASN A 80 -5.39 -28.98 -18.58
N SER A 81 -4.45 -28.27 -17.97
CA SER A 81 -4.03 -28.63 -16.61
C SER A 81 -5.10 -28.33 -15.53
N LEU A 82 -6.22 -27.72 -15.91
CA LEU A 82 -7.30 -27.42 -14.97
C LEU A 82 -8.54 -28.26 -15.26
N MET A 83 -8.40 -29.26 -16.12
CA MET A 83 -9.52 -30.16 -16.39
C MET A 83 -9.66 -31.24 -15.30
N TRP A 84 -10.88 -31.71 -15.12
CA TRP A 84 -11.15 -32.88 -14.29
C TRP A 84 -12.45 -33.54 -14.75
N ASP A 85 -12.66 -34.77 -14.32
CA ASP A 85 -13.90 -35.48 -14.61
C ASP A 85 -14.84 -35.30 -13.43
N PRO A 86 -16.00 -34.67 -13.67
CA PRO A 86 -17.01 -34.43 -12.63
C PRO A 86 -17.48 -35.70 -11.89
N ASN A 87 -17.53 -36.84 -12.58
CA ASN A 87 -17.98 -38.09 -11.98
C ASN A 87 -17.02 -38.56 -10.91
N GLU A 88 -15.80 -38.02 -10.98
CA GLU A 88 -14.75 -38.30 -10.05
C GLU A 88 -14.70 -37.40 -8.82
N TYR A 89 -15.60 -36.43 -8.77
CA TYR A 89 -15.56 -35.45 -7.69
C TYR A 89 -16.97 -35.07 -7.26
N GLY A 90 -17.82 -36.08 -7.09
CA GLY A 90 -19.16 -35.84 -6.59
C GLY A 90 -19.97 -34.94 -7.50
N ASN A 91 -19.77 -35.06 -8.80
CA ASN A 91 -20.48 -34.27 -9.81
C ASN A 91 -20.25 -32.75 -9.74
N ILE A 92 -19.11 -32.35 -9.19
CA ILE A 92 -18.74 -30.94 -9.19
C ILE A 92 -18.31 -30.54 -10.61
N THR A 93 -18.93 -29.50 -11.14
CA THR A 93 -18.69 -29.08 -12.52
C THR A 93 -17.89 -27.75 -12.59
N ASP A 94 -17.80 -27.03 -11.48
CA ASP A 94 -17.02 -25.79 -11.44
C ASP A 94 -16.71 -25.40 -10.00
N PHE A 95 -15.77 -24.47 -9.81
CA PHE A 95 -15.56 -23.92 -8.48
C PHE A 95 -14.99 -22.51 -8.58
N ARG A 96 -15.05 -21.78 -7.48
CA ARG A 96 -14.48 -20.45 -7.41
C ARG A 96 -13.23 -20.48 -6.58
N THR A 97 -12.24 -19.70 -6.98
CA THR A 97 -11.01 -19.68 -6.21
C THR A 97 -10.32 -18.35 -6.36
N SER A 98 -9.52 -18.00 -5.37
CA SER A 98 -8.73 -16.77 -5.45
C SER A 98 -7.89 -16.77 -6.71
N ALA A 99 -7.85 -15.62 -7.39
CA ALA A 99 -7.04 -15.46 -8.60
C ALA A 99 -5.56 -15.64 -8.28
N ALA A 100 -5.19 -15.51 -7.01
CA ALA A 100 -3.82 -15.81 -6.58
C ALA A 100 -3.49 -17.31 -6.69
N ASP A 101 -4.51 -18.16 -6.65
CA ASP A 101 -4.28 -19.61 -6.72
C ASP A 101 -3.94 -20.10 -8.12
N ILE A 102 -4.14 -19.25 -9.13
CA ILE A 102 -3.95 -19.65 -10.51
C ILE A 102 -3.12 -18.64 -11.29
N TRP A 103 -2.59 -19.13 -12.40
CA TRP A 103 -2.00 -18.28 -13.40
C TRP A 103 -3.11 -17.41 -13.98
N THR A 104 -2.82 -16.13 -14.18
CA THR A 104 -3.69 -15.23 -14.92
C THR A 104 -2.83 -14.48 -15.97
N PRO A 105 -3.45 -14.06 -17.07
CA PRO A 105 -2.73 -13.37 -18.16
C PRO A 105 -2.34 -11.93 -17.83
N ASP A 106 -1.24 -11.49 -18.45
CA ASP A 106 -0.70 -10.17 -18.21
C ASP A 106 -1.28 -9.11 -19.17
N ILE A 107 -2.59 -9.16 -19.41
CA ILE A 107 -3.25 -8.19 -20.28
C ILE A 107 -3.28 -6.81 -19.61
N THR A 108 -2.82 -5.79 -20.35
CA THR A 108 -2.61 -4.48 -19.76
C THR A 108 -3.06 -3.38 -20.69
N ALA A 109 -3.58 -2.28 -20.12
CA ALA A 109 -3.80 -1.05 -20.86
C ALA A 109 -2.45 -0.41 -21.24
N TYR A 110 -2.25 -0.06 -22.51
CA TYR A 110 -0.94 0.46 -22.93
C TYR A 110 -0.73 1.95 -22.69
N SER A 111 -1.79 2.71 -22.42
CA SER A 111 -1.64 4.16 -22.21
C SER A 111 -2.23 4.67 -20.90
N SER A 112 -2.14 3.86 -19.84
CA SER A 112 -2.57 4.31 -18.52
C SER A 112 -1.60 5.37 -18.02
N THR A 113 -2.06 6.20 -17.08
CA THR A 113 -1.23 7.28 -16.55
C THR A 113 -1.03 7.09 -15.05
N ARG A 114 -1.76 6.12 -14.48
CA ARG A 114 -1.74 5.77 -13.05
C ARG A 114 -1.95 4.28 -12.94
N PRO A 115 -1.46 3.67 -11.85
CA PRO A 115 -1.73 2.24 -11.66
C PRO A 115 -3.24 2.00 -11.65
N VAL A 116 -3.70 0.96 -12.32
CA VAL A 116 -5.10 0.62 -12.36
C VAL A 116 -5.55 0.23 -10.96
N GLN A 117 -6.75 0.66 -10.56
CA GLN A 117 -7.28 0.29 -9.25
C GLN A 117 -8.34 -0.81 -9.37
N VAL A 118 -8.22 -1.83 -8.53
CA VAL A 118 -9.14 -2.96 -8.59
C VAL A 118 -10.27 -2.70 -7.61
N LEU A 119 -11.51 -2.84 -8.09
CA LEU A 119 -12.69 -2.45 -7.31
C LEU A 119 -13.49 -3.67 -6.82
N SER A 120 -13.09 -4.87 -7.22
CA SER A 120 -13.86 -6.04 -6.88
C SER A 120 -12.94 -7.12 -6.33
N PRO A 121 -13.51 -8.15 -5.67
CA PRO A 121 -12.69 -9.29 -5.26
C PRO A 121 -12.01 -9.90 -6.47
N GLN A 122 -10.84 -10.49 -6.28
CA GLN A 122 -10.12 -11.12 -7.38
C GLN A 122 -10.27 -12.62 -7.20
N ILE A 123 -11.36 -13.12 -7.76
CA ILE A 123 -11.75 -14.50 -7.62
C ILE A 123 -12.09 -14.96 -9.01
N ALA A 124 -11.62 -16.13 -9.41
CA ALA A 124 -11.91 -16.68 -10.72
C ALA A 124 -12.84 -17.87 -10.59
N VAL A 125 -13.54 -18.17 -11.67
CA VAL A 125 -14.37 -19.36 -11.76
C VAL A 125 -13.73 -20.35 -12.70
N VAL A 126 -13.48 -21.56 -12.22
CA VAL A 126 -12.87 -22.61 -13.01
C VAL A 126 -13.89 -23.70 -13.30
N THR A 127 -14.01 -24.13 -14.56
CA THR A 127 -14.97 -25.20 -14.88
C THR A 127 -14.23 -26.45 -15.30
N HIS A 128 -14.92 -27.58 -15.26
CA HIS A 128 -14.26 -28.89 -15.41
C HIS A 128 -13.60 -29.13 -16.79
N ASP A 129 -13.99 -28.38 -17.81
CA ASP A 129 -13.31 -28.49 -19.10
C ASP A 129 -12.04 -27.63 -19.13
N GLY A 130 -11.68 -27.04 -18.00
CA GLY A 130 -10.46 -26.27 -17.90
C GLY A 130 -10.62 -24.79 -18.20
N SER A 131 -11.85 -24.35 -18.47
CA SER A 131 -12.10 -22.93 -18.71
C SER A 131 -12.00 -22.14 -17.42
N VAL A 132 -11.41 -20.95 -17.53
CA VAL A 132 -11.32 -20.01 -16.43
C VAL A 132 -11.93 -18.68 -16.84
N MET A 133 -12.80 -18.14 -16.00
CA MET A 133 -13.30 -16.81 -16.25
C MET A 133 -12.99 -15.92 -15.05
N PHE A 134 -12.55 -14.71 -15.33
CA PHE A 134 -12.07 -13.80 -14.31
C PHE A 134 -12.56 -12.42 -14.72
N ILE A 135 -13.34 -11.77 -13.86
CA ILE A 135 -13.96 -10.50 -14.20
C ILE A 135 -13.71 -9.40 -13.15
N PRO A 136 -12.50 -8.82 -13.14
CA PRO A 136 -12.21 -7.74 -12.20
C PRO A 136 -12.87 -6.42 -12.58
N ALA A 137 -13.52 -5.75 -11.64
CA ALA A 137 -13.98 -4.37 -11.83
C ALA A 137 -12.77 -3.44 -11.63
N GLN A 138 -12.64 -2.41 -12.46
CA GLN A 138 -11.44 -1.58 -12.45
C GLN A 138 -11.72 -0.11 -12.69
N ARG A 139 -10.88 0.74 -12.10
CA ARG A 139 -10.83 2.16 -12.45
C ARG A 139 -9.51 2.45 -13.15
N LEU A 140 -9.60 2.97 -14.37
CA LEU A 140 -8.42 3.22 -15.22
C LEU A 140 -8.29 4.70 -15.54
N SER A 141 -7.11 5.28 -15.35
CA SER A 141 -6.80 6.63 -15.83
C SER A 141 -5.97 6.48 -17.10
N PHE A 142 -6.35 7.11 -18.20
CA PHE A 142 -5.54 6.92 -19.39
C PHE A 142 -5.45 8.20 -20.20
N MET A 143 -4.54 8.21 -21.17
CA MET A 143 -4.25 9.41 -21.94
C MET A 143 -5.38 9.70 -22.91
N CYS A 144 -5.97 10.87 -22.78
CA CYS A 144 -7.01 11.29 -23.69
C CYS A 144 -7.21 12.79 -23.64
N ASP A 145 -7.08 13.45 -24.79
CA ASP A 145 -7.44 14.84 -24.96
C ASP A 145 -8.95 14.94 -25.13
N PRO A 146 -9.64 15.50 -24.14
CA PRO A 146 -11.10 15.52 -24.15
C PRO A 146 -11.70 16.74 -24.84
N THR A 147 -10.88 17.54 -25.52
CA THR A 147 -11.39 18.73 -26.21
C THR A 147 -12.55 18.39 -27.14
N GLY A 148 -13.68 19.06 -26.94
CA GLY A 148 -14.87 18.82 -27.72
C GLY A 148 -15.93 18.00 -27.01
N VAL A 149 -15.66 17.61 -25.77
CA VAL A 149 -16.61 16.78 -25.02
C VAL A 149 -17.89 17.58 -24.73
N ASP A 150 -17.74 18.90 -24.62
CA ASP A 150 -18.85 19.78 -24.33
C ASP A 150 -19.55 20.24 -25.60
N SER A 151 -19.37 19.50 -26.69
CA SER A 151 -20.02 19.82 -27.95
C SER A 151 -20.99 18.72 -28.38
N GLU A 152 -21.73 18.99 -29.44
CA GLU A 152 -22.66 18.02 -29.99
C GLU A 152 -21.94 16.84 -30.63
N GLU A 153 -20.81 17.09 -31.30
CA GLU A 153 -20.02 16.02 -31.90
C GLU A 153 -19.40 15.10 -30.85
N GLY A 154 -19.06 15.67 -29.69
CA GLY A 154 -18.42 14.91 -28.63
C GLY A 154 -16.94 14.65 -28.92
N VAL A 155 -16.38 13.63 -28.30
CA VAL A 155 -14.95 13.36 -28.44
C VAL A 155 -14.72 11.85 -28.43
N THR A 156 -13.65 11.41 -29.09
CA THR A 156 -13.32 9.99 -29.09
C THR A 156 -12.04 9.76 -28.30
N CYS A 157 -12.09 8.79 -27.39
CA CYS A 157 -10.91 8.35 -26.67
C CYS A 157 -10.66 6.90 -27.05
N ALA A 158 -9.40 6.50 -26.99
CA ALA A 158 -9.05 5.12 -27.31
C ALA A 158 -7.95 4.65 -26.41
N VAL A 159 -8.01 3.39 -26.01
CA VAL A 159 -6.95 2.76 -25.26
C VAL A 159 -6.84 1.31 -25.65
N LYS A 160 -5.61 0.87 -25.90
CA LYS A 160 -5.34 -0.50 -26.32
C LYS A 160 -5.02 -1.40 -25.15
N PHE A 161 -5.52 -2.64 -25.20
CA PHE A 161 -5.19 -3.66 -24.22
C PHE A 161 -4.46 -4.82 -24.88
N GLY A 162 -3.39 -5.30 -24.26
CA GLY A 162 -2.67 -6.44 -24.81
C GLY A 162 -1.71 -7.03 -23.80
N SER A 163 -1.20 -8.21 -24.09
CA SER A 163 -0.22 -8.86 -23.24
C SER A 163 1.03 -8.00 -23.13
N TRP A 164 1.60 -7.90 -21.93
CA TRP A 164 2.82 -7.11 -21.75
C TRP A 164 4.06 -7.79 -22.30
N VAL A 165 4.12 -9.12 -22.24
CA VAL A 165 5.36 -9.81 -22.64
C VAL A 165 5.17 -10.93 -23.67
N TYR A 166 3.94 -11.33 -23.95
CA TYR A 166 3.71 -12.43 -24.89
C TYR A 166 3.26 -11.93 -26.27
N SER A 167 3.85 -12.49 -27.31
CA SER A 167 3.44 -12.21 -28.70
C SER A 167 2.19 -12.98 -29.06
N GLY A 168 1.65 -12.71 -30.23
CA GLY A 168 0.48 -13.39 -30.77
C GLY A 168 0.66 -14.87 -31.08
N PHE A 169 1.91 -15.32 -31.13
CA PHE A 169 2.21 -16.75 -31.27
C PHE A 169 2.15 -17.47 -29.91
N GLU A 170 1.97 -16.73 -28.83
CA GLU A 170 1.90 -17.34 -27.50
C GLU A 170 0.55 -17.07 -26.81
N ILE A 171 0.09 -15.82 -26.89
CA ILE A 171 -1.27 -15.51 -26.44
C ILE A 171 -2.04 -14.90 -27.60
N ASP A 172 -3.03 -15.63 -28.10
CA ASP A 172 -3.92 -15.04 -29.08
C ASP A 172 -5.03 -14.34 -28.33
N LEU A 173 -5.28 -13.09 -28.67
CA LEU A 173 -6.35 -12.31 -28.04
C LEU A 173 -7.54 -12.33 -28.96
N LYS A 174 -8.71 -12.50 -28.38
CA LYS A 174 -9.95 -12.50 -29.11
C LYS A 174 -11.04 -11.77 -28.32
N THR A 175 -12.08 -11.37 -29.02
CA THR A 175 -13.32 -10.88 -28.40
C THR A 175 -14.45 -11.80 -28.78
N ASP A 176 -15.56 -11.73 -28.05
CA ASP A 176 -16.79 -12.41 -28.40
C ASP A 176 -17.69 -11.49 -29.22
N THR A 177 -17.54 -10.18 -28.98
CA THR A 177 -18.33 -9.16 -29.68
C THR A 177 -17.47 -7.89 -29.78
N ASP A 178 -17.70 -7.07 -30.78
CA ASP A 178 -16.97 -5.81 -30.86
C ASP A 178 -17.74 -4.64 -30.20
N GLN A 179 -18.90 -4.94 -29.63
CA GLN A 179 -19.69 -3.93 -28.91
C GLN A 179 -19.41 -3.98 -27.40
N VAL A 180 -18.89 -2.90 -26.84
CA VAL A 180 -18.74 -2.76 -25.38
C VAL A 180 -20.13 -2.87 -24.77
N ASP A 181 -20.26 -3.66 -23.70
CA ASP A 181 -21.53 -3.81 -23.01
C ASP A 181 -21.88 -2.52 -22.28
N LEU A 182 -22.96 -1.86 -22.69
CA LEU A 182 -23.38 -0.61 -22.07
C LEU A 182 -24.64 -0.77 -21.22
N SER A 183 -25.11 -2.00 -21.00
CA SER A 183 -26.39 -2.18 -20.32
C SER A 183 -26.35 -1.76 -18.85
N SER A 184 -25.16 -1.63 -18.28
CA SER A 184 -25.01 -1.20 -16.88
C SER A 184 -24.42 0.20 -16.78
N TYR A 185 -24.34 0.91 -17.89
CA TYR A 185 -23.79 2.26 -17.88
C TYR A 185 -24.67 3.14 -17.00
N TYR A 186 -24.05 3.92 -16.11
CA TYR A 186 -24.79 4.67 -15.09
C TYR A 186 -25.85 5.59 -15.70
N ALA A 187 -27.09 5.40 -15.28
CA ALA A 187 -28.24 6.09 -15.92
C ALA A 187 -28.18 7.61 -15.77
N SER A 188 -27.58 8.12 -14.69
CA SER A 188 -27.47 9.58 -14.52
C SER A 188 -26.06 10.08 -14.73
N SER A 189 -25.30 9.37 -15.56
CA SER A 189 -23.94 9.79 -15.86
C SER A 189 -23.89 11.21 -16.40
N LYS A 190 -22.78 11.87 -16.13
CA LYS A 190 -22.55 13.20 -16.70
C LYS A 190 -22.35 13.10 -18.23
N TYR A 191 -22.06 11.89 -18.73
CA TYR A 191 -21.79 11.79 -20.18
C TYR A 191 -22.71 10.84 -20.90
N GLU A 192 -22.97 11.15 -22.17
CA GLU A 192 -23.73 10.28 -23.03
C GLU A 192 -22.73 9.53 -23.93
N ILE A 193 -22.86 8.21 -23.98
CA ILE A 193 -22.01 7.41 -24.86
C ILE A 193 -22.64 7.36 -26.26
N LEU A 194 -21.90 7.88 -27.22
CA LEU A 194 -22.33 7.90 -28.60
C LEU A 194 -21.92 6.61 -29.29
N SER A 195 -20.76 6.08 -28.90
CA SER A 195 -20.31 4.80 -29.42
C SER A 195 -19.26 4.19 -28.51
N ALA A 196 -19.24 2.86 -28.40
CA ALA A 196 -18.24 2.17 -27.60
C ALA A 196 -17.96 0.80 -28.20
N THR A 197 -16.75 0.63 -28.74
CA THR A 197 -16.40 -0.61 -29.43
C THR A 197 -15.07 -1.19 -28.94
N GLN A 198 -14.91 -2.49 -29.13
CA GLN A 198 -13.67 -3.18 -28.74
C GLN A 198 -13.22 -4.02 -29.94
N THR A 199 -12.12 -3.63 -30.57
CA THR A 199 -11.69 -4.18 -31.88
C THR A 199 -10.34 -4.87 -31.83
N ARG A 200 -10.30 -6.13 -32.29
CA ARG A 200 -9.04 -6.86 -32.35
C ARG A 200 -8.17 -6.24 -33.43
N GLN A 201 -6.94 -5.89 -33.07
CA GLN A 201 -5.98 -5.34 -34.03
C GLN A 201 -4.70 -6.15 -34.02
N VAL A 202 -4.14 -6.38 -35.20
CA VAL A 202 -2.88 -7.09 -35.31
C VAL A 202 -1.80 -6.16 -35.85
N GLN A 203 -0.65 -6.19 -35.19
CA GLN A 203 0.46 -5.35 -35.56
C GLN A 203 1.58 -6.26 -36.04
N HIS A 204 2.14 -5.91 -37.19
CA HIS A 204 3.28 -6.62 -37.76
C HIS A 204 4.46 -5.66 -37.79
N TYR A 205 5.64 -6.17 -37.45
CA TYR A 205 6.85 -5.38 -37.57
C TYR A 205 7.75 -5.98 -38.65
N SER A 206 8.37 -5.11 -39.43
CA SER A 206 9.21 -5.53 -40.57
C SER A 206 10.30 -6.51 -40.15
N CYS A 207 10.87 -6.28 -38.97
CA CYS A 207 12.00 -7.07 -38.46
C CYS A 207 11.65 -8.51 -38.15
N CYS A 208 10.38 -8.77 -37.88
CA CYS A 208 10.00 -9.98 -37.14
C CYS A 208 8.76 -10.66 -37.68
N PRO A 209 8.76 -12.00 -37.67
CA PRO A 209 7.66 -12.82 -38.18
C PRO A 209 6.46 -12.89 -37.24
N GLU A 210 6.65 -12.77 -35.93
CA GLU A 210 5.52 -12.94 -35.01
C GLU A 210 4.62 -11.71 -34.95
N PRO A 211 3.30 -11.94 -34.92
CA PRO A 211 2.40 -10.80 -34.82
C PRO A 211 2.18 -10.39 -33.35
N TYR A 212 1.79 -9.14 -33.13
CA TYR A 212 1.43 -8.67 -31.80
C TYR A 212 -0.04 -8.20 -31.85
N ILE A 213 -0.82 -8.59 -30.85
CA ILE A 213 -2.28 -8.44 -30.85
C ILE A 213 -2.75 -7.52 -29.75
N ASP A 214 -3.71 -6.66 -30.06
CA ASP A 214 -4.33 -5.87 -29.00
C ASP A 214 -5.83 -5.76 -29.24
N VAL A 215 -6.55 -5.41 -28.18
CA VAL A 215 -7.95 -5.05 -28.35
C VAL A 215 -8.06 -3.55 -28.09
N ASN A 216 -8.55 -2.84 -29.09
CA ASN A 216 -8.65 -1.39 -29.07
C ASN A 216 -10.01 -0.98 -28.53
N LEU A 217 -10.03 -0.40 -27.33
CA LEU A 217 -11.28 0.09 -26.71
C LEU A 217 -11.51 1.54 -27.17
N VAL A 218 -12.53 1.75 -27.98
CA VAL A 218 -12.78 3.08 -28.55
C VAL A 218 -14.13 3.59 -28.08
N VAL A 219 -14.10 4.70 -27.33
CA VAL A 219 -15.30 5.28 -26.74
C VAL A 219 -15.52 6.72 -27.22
N LYS A 220 -16.67 6.94 -27.88
CA LYS A 220 -17.04 8.28 -28.32
C LYS A 220 -18.15 8.79 -27.39
N PHE A 221 -17.97 9.98 -26.84
CA PHE A 221 -18.90 10.46 -25.82
C PHE A 221 -18.97 11.97 -25.77
N ARG A 222 -20.00 12.49 -25.12
CA ARG A 222 -20.16 13.93 -24.97
C ARG A 222 -20.87 14.22 -23.67
N GLU A 223 -20.73 15.45 -23.21
CA GLU A 223 -21.50 15.90 -22.07
C GLU A 223 -22.98 15.84 -22.42
N ARG A 224 -23.74 15.35 -21.46
CA ARG A 224 -25.19 15.23 -21.62
C ARG A 224 -25.83 16.60 -21.53
N ARG A 225 -26.71 16.92 -22.47
CA ARG A 225 -27.56 18.09 -22.33
C ARG A 225 -29.02 17.65 -22.21
N GLY B 1 9.97 -1.02 -36.07
CA GLY B 1 9.17 -0.32 -35.07
C GLY B 1 8.99 -1.11 -33.78
N CYS B 2 9.53 -2.32 -33.82
CA CYS B 2 9.45 -3.32 -32.76
C CYS B 2 9.90 -2.84 -31.37
N CYS B 3 10.98 -2.08 -31.33
CA CYS B 3 11.63 -1.76 -30.06
C CYS B 3 10.83 -0.80 -29.15
N SER B 4 9.78 -0.20 -29.69
CA SER B 4 8.95 0.68 -28.88
C SER B 4 7.83 -0.10 -28.20
N HIS B 5 7.63 -1.33 -28.66
CA HIS B 5 6.66 -2.24 -28.05
C HIS B 5 7.38 -3.28 -27.18
N PRO B 6 7.19 -3.20 -25.87
CA PRO B 6 7.92 -4.02 -24.89
C PRO B 6 7.87 -5.50 -25.19
N ALA B 7 6.71 -6.05 -25.56
CA ALA B 7 6.66 -7.48 -25.85
C ALA B 7 7.57 -7.80 -27.04
N CYS B 8 7.58 -6.91 -28.02
CA CYS B 8 8.39 -7.14 -29.22
C CYS B 8 9.87 -6.98 -28.89
N ALA B 9 10.20 -5.97 -28.10
CA ALA B 9 11.59 -5.76 -27.70
C ALA B 9 12.15 -7.01 -27.00
N GLY B 10 11.38 -7.58 -26.08
CA GLY B 10 11.80 -8.76 -25.35
C GLY B 10 11.99 -10.01 -26.18
N ASN B 11 11.32 -10.08 -27.33
CA ASN B 11 11.45 -11.19 -28.27
C ASN B 11 12.57 -10.97 -29.30
N ASN B 12 13.08 -9.75 -29.37
CA ASN B 12 14.08 -9.42 -30.37
C ASN B 12 15.22 -8.60 -29.77
N GLN B 13 15.86 -9.15 -28.75
CA GLN B 13 16.80 -8.37 -27.95
C GLN B 13 18.11 -8.06 -28.69
N HIS B 14 18.47 -8.89 -29.66
CA HIS B 14 19.67 -8.62 -30.45
C HIS B 14 19.50 -7.38 -31.30
N ILE B 15 18.25 -6.97 -31.51
CA ILE B 15 17.92 -5.80 -32.30
C ILE B 15 17.57 -4.62 -31.42
N CYS B 16 16.98 -4.92 -30.27
CA CYS B 16 16.36 -3.90 -29.46
C CYS B 16 17.13 -3.68 -28.17
N SER C 19 -7.22 -20.86 31.11
CA SER C 19 -8.22 -20.83 30.05
C SER C 19 -7.61 -20.27 28.78
N GLN C 20 -6.50 -19.56 28.93
CA GLN C 20 -5.74 -19.09 27.79
C GLN C 20 -5.15 -20.24 27.01
N ALA C 21 -4.80 -21.31 27.71
CA ALA C 21 -4.30 -22.55 27.12
C ALA C 21 -5.39 -23.23 26.31
N ASN C 22 -6.59 -23.29 26.89
CA ASN C 22 -7.75 -23.87 26.24
C ASN C 22 -8.12 -23.15 24.94
N LEU C 23 -8.05 -21.83 24.96
CA LEU C 23 -8.37 -21.06 23.75
C LEU C 23 -7.34 -21.34 22.67
N MET C 24 -6.06 -21.31 23.04
CA MET C 24 -5.00 -21.67 22.11
C MET C 24 -5.26 -23.05 21.49
N ARG C 25 -5.69 -23.99 22.33
CA ARG C 25 -5.95 -25.35 21.85
C ARG C 25 -7.15 -25.38 20.91
N LEU C 26 -8.20 -24.64 21.26
CA LEU C 26 -9.36 -24.56 20.39
C LEU C 26 -8.98 -24.02 19.02
N LYS C 27 -8.30 -22.87 19.01
CA LYS C 27 -7.95 -22.21 17.74
C LYS C 27 -7.02 -23.10 16.94
N SER C 28 -6.09 -23.76 17.64
CA SER C 28 -5.24 -24.78 17.02
C SER C 28 -6.11 -25.86 16.35
N ASP C 29 -7.04 -26.44 17.10
CA ASP C 29 -7.90 -27.50 16.57
C ASP C 29 -8.76 -27.03 15.40
N LEU C 30 -9.23 -25.78 15.43
CA LEU C 30 -10.15 -25.31 14.39
C LEU C 30 -9.43 -24.90 13.11
N PHE C 31 -8.26 -24.30 13.24
CA PHE C 31 -7.60 -23.67 12.10
C PHE C 31 -6.49 -24.54 11.52
N ASN C 32 -5.72 -25.18 12.38
CA ASN C 32 -4.59 -25.99 11.91
C ASN C 32 -4.97 -27.42 11.47
N ARG C 33 -5.99 -28.01 12.08
CA ARG C 33 -6.40 -29.39 11.76
C ARG C 33 -7.03 -29.66 10.42
N SER C 34 -7.85 -28.73 9.93
CA SER C 34 -8.64 -28.99 8.74
C SER C 34 -8.24 -28.05 7.62
N PRO C 35 -8.51 -28.45 6.37
CA PRO C 35 -8.25 -27.50 5.27
C PRO C 35 -9.23 -26.35 5.34
N MET C 36 -8.87 -25.25 4.70
CA MET C 36 -9.69 -24.06 4.69
C MET C 36 -11.06 -24.38 4.10
N TYR C 37 -12.10 -23.78 4.67
CA TYR C 37 -13.41 -23.81 4.05
C TYR C 37 -13.24 -23.35 2.61
N PRO C 38 -13.65 -24.19 1.64
CA PRO C 38 -13.47 -23.88 0.22
C PRO C 38 -14.59 -22.99 -0.31
N GLY C 39 -15.44 -22.52 0.57
CA GLY C 39 -16.57 -21.72 0.14
C GLY C 39 -17.80 -22.57 -0.06
N PRO C 40 -18.96 -21.92 -0.22
CA PRO C 40 -20.24 -22.61 -0.39
C PRO C 40 -20.41 -23.23 -1.77
N THR C 41 -21.31 -24.20 -1.85
CA THR C 41 -21.69 -24.82 -3.12
C THR C 41 -23.19 -24.93 -3.19
N LYS C 42 -23.69 -25.48 -4.30
CA LYS C 42 -25.13 -25.62 -4.50
C LYS C 42 -25.67 -26.70 -3.58
N ASP C 43 -24.78 -27.61 -3.19
CA ASP C 43 -25.12 -28.70 -2.27
C ASP C 43 -25.17 -28.22 -0.83
N ASP C 44 -24.19 -27.41 -0.46
CA ASP C 44 -24.09 -26.86 0.90
C ASP C 44 -24.06 -25.34 0.85
N PRO C 45 -25.23 -24.72 0.63
CA PRO C 45 -25.28 -23.28 0.48
C PRO C 45 -25.10 -22.57 1.81
N LEU C 46 -25.06 -21.25 1.74
CA LEU C 46 -24.73 -20.43 2.88
C LEU C 46 -25.60 -19.19 2.91
N THR C 47 -26.04 -18.76 4.08
CA THR C 47 -26.75 -17.50 4.18
C THR C 47 -25.90 -16.42 4.81
N VAL C 48 -25.81 -15.29 4.13
CA VAL C 48 -25.11 -14.14 4.68
C VAL C 48 -26.11 -13.06 5.01
N THR C 49 -26.12 -12.60 6.25
CA THR C 49 -26.97 -11.49 6.63
C THR C 49 -26.14 -10.23 6.67
N LEU C 50 -26.66 -9.20 6.01
CA LEU C 50 -25.97 -7.93 5.83
C LEU C 50 -26.73 -6.78 6.49
N GLY C 51 -26.02 -5.84 7.07
CA GLY C 51 -26.68 -4.68 7.67
C GLY C 51 -25.73 -3.49 7.72
N PHE C 52 -26.28 -2.30 7.52
CA PHE C 52 -25.47 -1.09 7.53
C PHE C 52 -25.79 -0.16 8.70
N THR C 53 -24.74 0.46 9.24
CA THR C 53 -24.88 1.54 10.21
C THR C 53 -24.22 2.75 9.61
N LEU C 54 -25.02 3.73 9.17
CA LEU C 54 -24.51 4.89 8.44
C LEU C 54 -24.02 5.97 9.38
N GLN C 55 -22.77 6.35 9.22
CA GLN C 55 -22.17 7.35 10.11
C GLN C 55 -22.22 8.76 9.54
N ASP C 56 -21.87 8.93 8.28
CA ASP C 56 -21.96 10.25 7.65
C ASP C 56 -21.85 10.13 6.16
N ILE C 57 -22.40 11.12 5.48
CA ILE C 57 -22.12 11.36 4.07
C ILE C 57 -20.97 12.34 4.05
N VAL C 58 -19.79 11.90 3.66
CA VAL C 58 -18.60 12.71 3.87
C VAL C 58 -18.13 13.46 2.63
N LYS C 59 -18.73 13.17 1.48
CA LYS C 59 -18.38 13.92 0.26
C LYS C 59 -19.47 13.80 -0.78
N VAL C 60 -19.76 14.91 -1.44
CA VAL C 60 -20.74 14.94 -2.51
C VAL C 60 -20.09 15.70 -3.65
N ASP C 61 -19.89 15.05 -4.78
CA ASP C 61 -19.13 15.69 -5.86
C ASP C 61 -20.01 15.77 -7.10
N SER C 62 -20.56 16.95 -7.35
CA SER C 62 -21.48 17.11 -8.47
C SER C 62 -20.75 17.19 -9.81
N SER C 63 -19.45 17.45 -9.80
CA SER C 63 -18.73 17.55 -11.06
C SER C 63 -18.35 16.16 -11.60
N THR C 64 -18.26 15.16 -10.72
CA THR C 64 -17.93 13.81 -11.17
C THR C 64 -19.03 12.80 -10.90
N ASN C 65 -20.10 13.24 -10.24
CA ASN C 65 -21.21 12.37 -9.82
C ASN C 65 -20.70 11.21 -8.94
N GLU C 66 -20.01 11.58 -7.89
CA GLU C 66 -19.48 10.64 -6.91
C GLU C 66 -19.95 11.08 -5.53
N VAL C 67 -20.44 10.14 -4.74
CA VAL C 67 -20.76 10.42 -3.36
C VAL C 67 -19.96 9.45 -2.47
N ASP C 68 -19.45 9.97 -1.36
CA ASP C 68 -18.71 9.15 -0.40
C ASP C 68 -19.50 8.93 0.90
N LEU C 69 -19.59 7.68 1.34
CA LEU C 69 -20.22 7.33 2.62
C LEU C 69 -19.23 6.74 3.62
N VAL C 70 -19.46 6.98 4.91
CA VAL C 70 -18.77 6.21 5.96
C VAL C 70 -19.82 5.45 6.77
N TYR C 71 -19.63 4.14 6.86
CA TYR C 71 -20.56 3.25 7.55
C TYR C 71 -19.84 2.04 8.15
N TYR C 72 -20.54 1.36 9.05
CA TYR C 72 -20.14 0.05 9.56
C TYR C 72 -20.96 -0.98 8.82
N GLU C 73 -20.31 -1.99 8.26
CA GLU C 73 -20.99 -3.04 7.52
C GLU C 73 -20.95 -4.35 8.26
N GLN C 74 -22.09 -4.76 8.80
CA GLN C 74 -22.16 -5.99 9.55
C GLN C 74 -22.47 -7.17 8.64
N GLN C 75 -21.65 -8.20 8.69
CA GLN C 75 -21.88 -9.45 7.97
C GLN C 75 -21.93 -10.61 8.94
N ARG C 76 -22.89 -11.50 8.76
CA ARG C 76 -23.01 -12.67 9.62
C ARG C 76 -23.32 -13.90 8.79
N TRP C 77 -22.63 -14.99 9.08
CA TRP C 77 -22.91 -16.27 8.45
C TRP C 77 -22.58 -17.39 9.42
N LYS C 78 -22.85 -18.62 9.01
CA LYS C 78 -22.66 -19.77 9.88
C LYS C 78 -22.00 -20.94 9.14
N LEU C 79 -20.95 -21.51 9.74
CA LEU C 79 -20.25 -22.68 9.17
C LEU C 79 -20.25 -23.87 10.12
N ASN C 80 -20.64 -25.04 9.61
CA ASN C 80 -20.53 -26.28 10.38
C ASN C 80 -19.10 -26.56 10.77
N SER C 81 -18.16 -26.18 9.89
CA SER C 81 -16.76 -26.44 10.14
C SER C 81 -16.18 -25.55 11.24
N LEU C 82 -16.96 -24.61 11.77
CA LEU C 82 -16.48 -23.76 12.87
C LEU C 82 -17.20 -24.05 14.20
N MET C 83 -17.91 -25.17 14.26
CA MET C 83 -18.58 -25.59 15.49
C MET C 83 -17.64 -26.29 16.47
N TRP C 84 -17.94 -26.18 17.76
CA TRP C 84 -17.26 -26.98 18.77
C TRP C 84 -18.13 -27.17 20.00
N ASP C 85 -17.74 -28.11 20.84
CA ASP C 85 -18.43 -28.33 22.11
C ASP C 85 -17.63 -27.57 23.16
N PRO C 86 -18.25 -26.56 23.77
CA PRO C 86 -17.62 -25.76 24.84
C PRO C 86 -17.11 -26.64 25.98
N ASN C 87 -17.80 -27.76 26.23
CA ASN C 87 -17.41 -28.65 27.32
C ASN C 87 -16.06 -29.32 27.06
N GLU C 88 -15.62 -29.36 25.80
CA GLU C 88 -14.31 -29.92 25.51
C GLU C 88 -13.23 -28.85 25.54
N TYR C 89 -13.61 -27.62 25.86
CA TYR C 89 -12.64 -26.52 25.77
C TYR C 89 -12.78 -25.49 26.89
N GLY C 90 -12.91 -25.97 28.11
CA GLY C 90 -12.94 -25.10 29.28
C GLY C 90 -14.09 -24.11 29.26
N ASN C 91 -15.21 -24.55 28.70
CA ASN C 91 -16.45 -23.77 28.57
C ASN C 91 -16.35 -22.49 27.71
N ILE C 92 -15.40 -22.48 26.77
CA ILE C 92 -15.29 -21.37 25.85
C ILE C 92 -16.48 -21.41 24.88
N THR C 93 -17.22 -20.32 24.76
CA THR C 93 -18.41 -20.32 23.92
C THR C 93 -18.23 -19.46 22.64
N ASP C 94 -17.19 -18.63 22.63
CA ASP C 94 -16.87 -17.78 21.48
C ASP C 94 -15.45 -17.26 21.60
N PHE C 95 -14.90 -16.76 20.48
CA PHE C 95 -13.60 -16.11 20.50
C PHE C 95 -13.50 -15.08 19.37
N ARG C 96 -12.52 -14.19 19.45
CA ARG C 96 -12.26 -13.18 18.42
C ARG C 96 -10.99 -13.55 17.71
N THR C 97 -10.93 -13.33 16.42
CA THR C 97 -9.75 -13.70 15.69
C THR C 97 -9.62 -12.80 14.47
N SER C 98 -8.39 -12.63 13.98
CA SER C 98 -8.17 -11.85 12.77
C SER C 98 -9.05 -12.37 11.64
N ALA C 99 -9.67 -11.47 10.87
CA ALA C 99 -10.53 -11.93 9.78
C ALA C 99 -9.74 -12.71 8.71
N ALA C 100 -8.42 -12.53 8.69
CA ALA C 100 -7.52 -13.29 7.81
C ALA C 100 -7.44 -14.78 8.17
N ASP C 101 -7.78 -15.13 9.42
CA ASP C 101 -7.74 -16.53 9.84
C ASP C 101 -8.87 -17.35 9.27
N ILE C 102 -9.89 -16.68 8.73
CA ILE C 102 -11.08 -17.38 8.27
C ILE C 102 -11.52 -16.96 6.86
N TRP C 103 -12.36 -17.82 6.28
CA TRP C 103 -13.08 -17.48 5.07
C TRP C 103 -14.04 -16.33 5.36
N THR C 104 -14.14 -15.39 4.43
CA THR C 104 -15.17 -14.34 4.50
C THR C 104 -15.84 -14.28 3.13
N PRO C 105 -17.13 -13.84 3.09
CA PRO C 105 -17.88 -13.79 1.82
C PRO C 105 -17.46 -12.61 0.95
N ASP C 106 -17.64 -12.77 -0.36
CA ASP C 106 -17.18 -11.79 -1.34
C ASP C 106 -18.24 -10.71 -1.67
N ILE C 107 -18.94 -10.23 -0.66
CA ILE C 107 -19.97 -9.23 -0.87
C ILE C 107 -19.29 -7.92 -1.29
N THR C 108 -19.77 -7.36 -2.37
CA THR C 108 -19.15 -6.23 -3.05
C THR C 108 -20.17 -5.18 -3.41
N ALA C 109 -19.80 -3.92 -3.31
CA ALA C 109 -20.55 -2.83 -3.90
C ALA C 109 -20.41 -2.89 -5.41
N TYR C 110 -21.53 -2.88 -6.13
CA TYR C 110 -21.46 -3.06 -7.59
C TYR C 110 -21.15 -1.80 -8.36
N SER C 111 -21.30 -0.65 -7.72
CA SER C 111 -21.06 0.60 -8.44
C SER C 111 -20.09 1.54 -7.74
N SER C 112 -19.08 0.98 -7.06
CA SER C 112 -18.03 1.82 -6.49
C SER C 112 -17.19 2.41 -7.60
N THR C 113 -16.50 3.50 -7.27
CA THR C 113 -15.63 4.19 -8.20
C THR C 113 -14.18 4.19 -7.74
N ARG C 114 -13.95 3.73 -6.50
CA ARG C 114 -12.62 3.67 -5.89
C ARG C 114 -12.54 2.44 -4.97
N PRO C 115 -11.33 1.91 -4.72
CA PRO C 115 -11.27 0.83 -3.74
C PRO C 115 -11.87 1.29 -2.41
N VAL C 116 -12.66 0.43 -1.78
CA VAL C 116 -13.23 0.76 -0.46
C VAL C 116 -12.11 0.90 0.53
N GLN C 117 -12.17 1.89 1.41
CA GLN C 117 -11.14 1.99 2.44
C GLN C 117 -11.62 1.46 3.79
N VAL C 118 -10.77 0.69 4.47
CA VAL C 118 -11.16 0.09 5.75
C VAL C 118 -10.70 1.01 6.89
N LEU C 119 -11.62 1.34 7.80
CA LEU C 119 -11.37 2.35 8.83
C LEU C 119 -11.18 1.76 10.23
N SER C 120 -11.35 0.44 10.34
CA SER C 120 -11.34 -0.22 11.63
C SER C 120 -10.51 -1.48 11.54
N PRO C 121 -10.17 -2.08 12.69
CA PRO C 121 -9.60 -3.42 12.65
C PRO C 121 -10.57 -4.38 11.96
N GLN C 122 -10.02 -5.41 11.36
CA GLN C 122 -10.79 -6.45 10.72
C GLN C 122 -10.69 -7.71 11.58
N ILE C 123 -11.61 -7.83 12.53
CA ILE C 123 -11.57 -8.91 13.50
C ILE C 123 -12.94 -9.54 13.52
N ALA C 124 -12.99 -10.87 13.49
CA ALA C 124 -14.27 -11.55 13.48
C ALA C 124 -14.55 -12.16 14.83
N VAL C 125 -15.84 -12.33 15.12
CA VAL C 125 -16.30 -13.03 16.31
C VAL C 125 -16.88 -14.36 15.87
N VAL C 126 -16.33 -15.45 16.43
CA VAL C 126 -16.76 -16.81 16.13
C VAL C 126 -17.43 -17.44 17.34
N THR C 127 -18.60 -18.03 17.15
CA THR C 127 -19.35 -18.66 18.22
C THR C 127 -19.35 -20.18 18.05
N HIS C 128 -19.55 -20.92 19.14
CA HIS C 128 -19.39 -22.38 19.14
C HIS C 128 -20.42 -23.09 18.28
N ASP C 129 -21.50 -22.39 17.96
CA ASP C 129 -22.50 -22.91 17.04
C ASP C 129 -22.07 -22.66 15.58
N GLY C 130 -20.86 -22.12 15.40
CA GLY C 130 -20.33 -21.92 14.05
C GLY C 130 -20.67 -20.58 13.43
N SER C 131 -21.35 -19.75 14.20
CA SER C 131 -21.73 -18.41 13.74
C SER C 131 -20.50 -17.51 13.68
N VAL C 132 -20.42 -16.69 12.63
CA VAL C 132 -19.34 -15.70 12.49
C VAL C 132 -19.92 -14.31 12.26
N MET C 133 -19.45 -13.33 13.00
CA MET C 133 -19.83 -11.94 12.75
C MET C 133 -18.60 -11.06 12.56
N PHE C 134 -18.68 -10.17 11.58
CA PHE C 134 -17.58 -9.36 11.14
C PHE C 134 -18.15 -7.98 10.78
N ILE C 135 -17.70 -6.95 11.46
CA ILE C 135 -18.28 -5.59 11.30
C ILE C 135 -17.21 -4.53 11.09
N PRO C 136 -16.64 -4.49 9.88
CA PRO C 136 -15.62 -3.49 9.52
C PRO C 136 -16.21 -2.10 9.23
N ALA C 137 -15.56 -1.06 9.72
CA ALA C 137 -15.88 0.31 9.33
C ALA C 137 -15.30 0.58 7.95
N GLN C 138 -16.06 1.27 7.10
CA GLN C 138 -15.62 1.47 5.71
C GLN C 138 -15.96 2.85 5.17
N ARG C 139 -15.11 3.34 4.26
CA ARG C 139 -15.43 4.50 3.44
C ARG C 139 -15.58 4.07 2.01
N LEU C 140 -16.74 4.35 1.43
CA LEU C 140 -17.09 3.95 0.08
C LEU C 140 -17.33 5.14 -0.83
N SER C 141 -16.68 5.15 -1.99
CA SER C 141 -17.02 6.11 -3.06
C SER C 141 -17.84 5.36 -4.10
N PHE C 142 -18.99 5.91 -4.50
CA PHE C 142 -19.86 5.24 -5.46
C PHE C 142 -20.60 6.24 -6.38
N MET C 143 -21.22 5.70 -7.44
CA MET C 143 -21.85 6.53 -8.47
C MET C 143 -23.17 7.13 -8.03
N CYS C 144 -23.24 8.45 -8.04
CA CYS C 144 -24.48 9.13 -7.70
C CYS C 144 -24.50 10.58 -8.19
N ASP C 145 -25.48 10.90 -9.03
CA ASP C 145 -25.74 12.28 -9.42
C ASP C 145 -26.48 12.96 -8.28
N PRO C 146 -25.83 13.90 -7.58
CA PRO C 146 -26.43 14.52 -6.39
C PRO C 146 -27.28 15.74 -6.70
N THR C 147 -27.59 15.98 -7.97
CA THR C 147 -28.43 17.11 -8.36
C THR C 147 -29.73 17.10 -7.58
N GLY C 148 -30.00 18.19 -6.89
CA GLY C 148 -31.16 18.30 -6.02
C GLY C 148 -30.81 18.19 -4.55
N VAL C 149 -29.53 18.00 -4.24
CA VAL C 149 -29.13 17.84 -2.82
C VAL C 149 -29.37 19.13 -2.03
N ASP C 150 -29.25 20.27 -2.70
CA ASP C 150 -29.44 21.55 -2.03
C ASP C 150 -30.89 22.06 -2.11
N SER C 151 -31.82 21.14 -2.31
CA SER C 151 -33.24 21.49 -2.34
C SER C 151 -33.97 20.85 -1.18
N GLU C 152 -35.23 21.25 -1.00
CA GLU C 152 -36.06 20.71 0.08
C GLU C 152 -36.42 19.25 -0.22
N GLU C 153 -36.60 18.93 -1.50
CA GLU C 153 -36.88 17.57 -1.96
C GLU C 153 -35.68 16.63 -1.76
N GLY C 154 -34.47 17.16 -1.84
CA GLY C 154 -33.26 16.36 -1.69
C GLY C 154 -32.99 15.49 -2.91
N VAL C 155 -32.20 14.44 -2.74
CA VAL C 155 -31.81 13.55 -3.83
C VAL C 155 -31.69 12.13 -3.29
N THR C 156 -31.90 11.13 -4.15
CA THR C 156 -31.76 9.75 -3.75
C THR C 156 -30.54 9.14 -4.43
N CYS C 157 -29.70 8.45 -3.66
CA CYS C 157 -28.58 7.69 -4.20
C CYS C 157 -28.83 6.23 -3.90
N ALA C 158 -28.30 5.33 -4.73
CA ALA C 158 -28.47 3.90 -4.48
C ALA C 158 -27.22 3.14 -4.89
N VAL C 159 -26.88 2.12 -4.12
CA VAL C 159 -25.80 1.24 -4.52
C VAL C 159 -26.15 -0.20 -4.11
N LYS C 160 -25.97 -1.13 -5.04
CA LYS C 160 -26.26 -2.53 -4.77
C LYS C 160 -25.04 -3.28 -4.25
N PHE C 161 -25.29 -4.17 -3.29
CA PHE C 161 -24.26 -5.05 -2.73
C PHE C 161 -24.63 -6.47 -3.04
N GLY C 162 -23.67 -7.26 -3.46
CA GLY C 162 -23.94 -8.67 -3.73
C GLY C 162 -22.65 -9.43 -3.90
N SER C 163 -22.75 -10.75 -3.90
CA SER C 163 -21.59 -11.60 -4.14
C SER C 163 -21.05 -11.33 -5.52
N TRP C 164 -19.73 -11.28 -5.64
CA TRP C 164 -19.12 -11.07 -6.96
C TRP C 164 -19.19 -12.32 -7.83
N VAL C 165 -19.11 -13.51 -7.21
CA VAL C 165 -19.04 -14.75 -8.01
C VAL C 165 -20.07 -15.83 -7.66
N TYR C 166 -20.78 -15.68 -6.54
CA TYR C 166 -21.74 -16.71 -6.14
C TYR C 166 -23.18 -16.32 -6.48
N SER C 167 -23.95 -17.26 -7.04
CA SER C 167 -25.37 -17.07 -7.26
C SER C 167 -26.13 -17.28 -5.96
N GLY C 168 -27.43 -16.99 -5.99
CA GLY C 168 -28.32 -17.21 -4.87
C GLY C 168 -28.54 -18.66 -4.46
N PHE C 169 -28.15 -19.62 -5.32
CA PHE C 169 -28.22 -21.02 -4.92
C PHE C 169 -26.99 -21.40 -4.08
N GLU C 170 -26.04 -20.48 -3.94
CA GLU C 170 -24.83 -20.75 -3.18
C GLU C 170 -24.64 -19.79 -2.00
N ILE C 171 -24.87 -18.52 -2.24
CA ILE C 171 -24.89 -17.55 -1.15
C ILE C 171 -26.24 -16.90 -1.19
N ASP C 172 -27.04 -17.18 -0.19
CA ASP C 172 -28.28 -16.46 -0.04
C ASP C 172 -28.00 -15.23 0.81
N LEU C 173 -28.33 -14.06 0.30
CA LEU C 173 -28.16 -12.80 0.99
C LEU C 173 -29.47 -12.39 1.57
N LYS C 174 -29.44 -11.93 2.82
CA LYS C 174 -30.64 -11.38 3.44
C LYS C 174 -30.27 -10.23 4.37
N THR C 175 -31.28 -9.48 4.81
CA THR C 175 -31.07 -8.49 5.87
C THR C 175 -31.93 -8.90 7.08
N ASP C 176 -31.61 -8.36 8.25
CA ASP C 176 -32.43 -8.59 9.47
C ASP C 176 -33.56 -7.57 9.51
N THR C 177 -33.29 -6.42 8.89
CA THR C 177 -34.24 -5.32 8.80
C THR C 177 -33.96 -4.54 7.53
N ASP C 178 -34.98 -3.89 6.98
CA ASP C 178 -34.76 -3.07 5.79
C ASP C 178 -34.46 -1.60 6.15
N GLN C 179 -34.40 -1.29 7.43
CA GLN C 179 -34.06 0.07 7.85
C GLN C 179 -32.56 0.15 8.17
N VAL C 180 -31.83 1.02 7.47
CA VAL C 180 -30.44 1.32 7.81
C VAL C 180 -30.37 1.90 9.23
N ASP C 181 -29.38 1.46 10.02
CA ASP C 181 -29.23 1.99 11.39
C ASP C 181 -28.67 3.43 11.36
N LEU C 182 -29.48 4.38 11.81
CA LEU C 182 -29.09 5.79 11.78
C LEU C 182 -28.78 6.32 13.19
N SER C 183 -28.73 5.43 14.18
CA SER C 183 -28.64 5.88 15.57
C SER C 183 -27.29 6.55 15.86
N SER C 184 -26.30 6.31 14.99
CA SER C 184 -24.99 6.92 15.17
C SER C 184 -24.64 7.95 14.08
N TYR C 185 -25.62 8.34 13.28
CA TYR C 185 -25.38 9.30 12.22
C TYR C 185 -24.88 10.62 12.80
N TYR C 186 -23.81 11.17 12.24
CA TYR C 186 -23.13 12.33 12.84
C TYR C 186 -24.10 13.50 13.08
N ALA C 187 -24.18 13.95 14.33
CA ALA C 187 -25.19 14.93 14.73
C ALA C 187 -25.03 16.29 14.03
N SER C 188 -23.81 16.65 13.68
CA SER C 188 -23.59 17.91 12.97
C SER C 188 -23.27 17.67 11.49
N SER C 189 -23.83 16.59 10.95
CA SER C 189 -23.61 16.32 9.53
C SER C 189 -24.08 17.48 8.67
N LYS C 190 -23.44 17.65 7.53
CA LYS C 190 -23.87 18.65 6.56
C LYS C 190 -25.23 18.27 5.94
N TYR C 191 -25.59 17.00 6.07
CA TYR C 191 -26.78 16.49 5.40
C TYR C 191 -27.82 15.92 6.36
N GLU C 192 -29.07 16.01 5.94
CA GLU C 192 -30.15 15.39 6.66
C GLU C 192 -30.59 14.15 5.89
N ILE C 193 -30.68 13.03 6.59
CA ILE C 193 -31.15 11.79 5.98
C ILE C 193 -32.66 11.79 5.98
N LEU C 194 -33.26 11.71 4.80
CA LEU C 194 -34.72 11.68 4.69
C LEU C 194 -35.24 10.26 4.76
N SER C 195 -34.47 9.32 4.22
CA SER C 195 -34.72 7.90 4.41
C SER C 195 -33.47 7.11 4.02
N ALA C 196 -33.31 5.95 4.63
CA ALA C 196 -32.19 5.06 4.34
C ALA C 196 -32.65 3.63 4.56
N THR C 197 -32.69 2.86 3.48
CA THR C 197 -33.18 1.48 3.53
C THR C 197 -32.15 0.52 2.93
N GLN C 198 -32.18 -0.74 3.37
CA GLN C 198 -31.27 -1.81 2.90
C GLN C 198 -32.17 -3.00 2.57
N THR C 199 -32.39 -3.24 1.29
CA THR C 199 -33.46 -4.14 0.89
C THR C 199 -33.04 -5.22 -0.06
N ARG C 200 -33.35 -6.48 0.28
CA ARG C 200 -33.07 -7.61 -0.58
C ARG C 200 -33.88 -7.52 -1.90
N GLN C 201 -33.19 -7.69 -3.02
CA GLN C 201 -33.84 -7.69 -4.34
C GLN C 201 -33.38 -8.94 -5.09
N VAL C 202 -34.24 -9.49 -5.95
CA VAL C 202 -33.88 -10.69 -6.72
C VAL C 202 -33.89 -10.45 -8.24
N GLN C 203 -32.89 -10.97 -8.95
CA GLN C 203 -32.86 -10.86 -10.41
C GLN C 203 -32.85 -12.26 -11.01
N HIS C 204 -33.71 -12.45 -12.02
CA HIS C 204 -33.77 -13.72 -12.74
C HIS C 204 -33.39 -13.54 -14.19
N TYR C 205 -32.67 -14.52 -14.74
CA TYR C 205 -32.38 -14.52 -16.17
C TYR C 205 -33.04 -15.76 -16.78
N SER C 206 -33.71 -15.61 -17.92
CA SER C 206 -34.44 -16.72 -18.56
C SER C 206 -33.49 -17.89 -18.91
N CYS C 207 -32.26 -17.55 -19.28
CA CYS C 207 -31.25 -18.52 -19.71
C CYS C 207 -30.89 -19.55 -18.64
N CYS C 208 -31.10 -19.18 -17.37
CA CYS C 208 -30.45 -19.87 -16.25
C CYS C 208 -31.40 -20.07 -15.07
N PRO C 209 -31.33 -21.23 -14.41
CA PRO C 209 -32.25 -21.54 -13.32
C PRO C 209 -31.95 -20.81 -11.99
N GLU C 210 -30.69 -20.46 -11.74
CA GLU C 210 -30.33 -19.85 -10.47
C GLU C 210 -30.65 -18.33 -10.40
N PRO C 211 -31.17 -17.86 -9.27
CA PRO C 211 -31.44 -16.44 -9.05
C PRO C 211 -30.19 -15.67 -8.61
N TYR C 212 -30.19 -14.37 -8.82
CA TYR C 212 -29.09 -13.55 -8.32
C TYR C 212 -29.63 -12.52 -7.32
N ILE C 213 -28.93 -12.39 -6.20
CA ILE C 213 -29.49 -11.60 -5.09
C ILE C 213 -28.64 -10.40 -4.82
N ASP C 214 -29.28 -9.27 -4.55
CA ASP C 214 -28.50 -8.14 -4.09
C ASP C 214 -29.23 -7.46 -2.93
N VAL C 215 -28.50 -6.69 -2.15
CA VAL C 215 -29.09 -5.82 -1.15
C VAL C 215 -28.90 -4.40 -1.63
N ASN C 216 -30.02 -3.70 -1.82
CA ASN C 216 -30.01 -2.35 -2.35
C ASN C 216 -30.00 -1.34 -1.20
N LEU C 217 -28.89 -0.62 -1.06
CA LEU C 217 -28.74 0.46 -0.10
C LEU C 217 -29.20 1.74 -0.76
N VAL C 218 -30.32 2.29 -0.28
CA VAL C 218 -30.93 3.47 -0.88
C VAL C 218 -30.97 4.62 0.12
N VAL C 219 -30.29 5.72 -0.18
CA VAL C 219 -30.24 6.80 0.79
C VAL C 219 -30.79 8.07 0.17
N LYS C 220 -31.84 8.60 0.77
CA LYS C 220 -32.39 9.88 0.32
C LYS C 220 -31.95 10.95 1.33
N PHE C 221 -31.38 12.04 0.84
CA PHE C 221 -30.81 13.06 1.73
C PHE C 221 -30.84 14.45 1.11
N ARG C 222 -30.63 15.45 1.96
CA ARG C 222 -30.57 16.83 1.49
C ARG C 222 -29.61 17.62 2.36
N GLU C 223 -29.13 18.75 1.86
CA GLU C 223 -28.34 19.67 2.67
C GLU C 223 -29.19 20.18 3.81
N ARG C 224 -28.60 20.25 5.00
CA ARG C 224 -29.38 20.67 6.15
C ARG C 224 -29.57 22.18 6.11
N ARG C 225 -30.81 22.65 6.28
CA ARG C 225 -31.07 24.08 6.42
C ARG C 225 -31.56 24.43 7.82
N GLY D 1 -28.51 -8.05 -19.27
CA GLY D 1 -28.70 -9.48 -19.32
C GLY D 1 -27.68 -10.22 -18.44
N CYS D 2 -27.72 -11.55 -18.50
CA CYS D 2 -26.85 -12.42 -17.70
C CYS D 2 -25.38 -12.09 -17.87
N CYS D 3 -24.98 -11.87 -19.11
CA CYS D 3 -23.57 -11.67 -19.42
C CYS D 3 -23.10 -10.33 -18.91
N SER D 4 -24.04 -9.46 -18.53
CA SER D 4 -23.61 -8.19 -17.94
C SER D 4 -23.43 -8.31 -16.42
N HIS D 5 -23.90 -9.41 -15.86
CA HIS D 5 -23.73 -9.64 -14.43
C HIS D 5 -22.57 -10.60 -14.22
N PRO D 6 -21.50 -10.12 -13.59
CA PRO D 6 -20.27 -10.92 -13.48
C PRO D 6 -20.51 -12.29 -12.87
N ALA D 7 -21.30 -12.37 -11.79
CA ALA D 7 -21.56 -13.65 -11.17
C ALA D 7 -22.33 -14.54 -12.15
N CYS D 8 -23.29 -13.97 -12.86
CA CYS D 8 -24.03 -14.78 -13.82
C CYS D 8 -23.13 -15.20 -14.99
N ALA D 9 -22.33 -14.27 -15.50
CA ALA D 9 -21.43 -14.59 -16.63
C ALA D 9 -20.48 -15.75 -16.25
N GLY D 10 -19.83 -15.64 -15.09
CA GLY D 10 -18.89 -16.66 -14.66
C GLY D 10 -19.55 -18.00 -14.44
N ASN D 11 -20.84 -18.00 -14.11
CA ASN D 11 -21.59 -19.22 -13.84
C ASN D 11 -22.14 -19.88 -15.10
N ASN D 12 -22.13 -19.13 -16.20
CA ASN D 12 -22.72 -19.59 -17.45
C ASN D 12 -21.81 -19.29 -18.64
N GLN D 13 -20.59 -19.81 -18.60
CA GLN D 13 -19.57 -19.40 -19.55
C GLN D 13 -19.89 -19.84 -20.98
N HIS D 14 -20.72 -20.87 -21.11
CA HIS D 14 -21.16 -21.35 -22.41
C HIS D 14 -22.04 -20.30 -23.13
N ILE D 15 -22.56 -19.34 -22.36
CA ILE D 15 -23.39 -18.26 -22.90
C ILE D 15 -22.63 -16.96 -22.96
N CYS D 16 -21.70 -16.78 -22.03
CA CYS D 16 -21.10 -15.48 -21.81
C CYS D 16 -19.62 -15.47 -22.14
N SER E 19 26.84 -9.30 27.40
CA SER E 19 25.73 -10.26 27.40
C SER E 19 24.47 -9.80 26.63
N GLN E 20 24.60 -9.78 25.31
CA GLN E 20 23.42 -9.70 24.47
C GLN E 20 22.69 -11.00 24.74
N ALA E 21 23.47 -11.98 25.18
CA ALA E 21 23.04 -13.36 25.33
C ALA E 21 21.80 -13.50 26.21
N ASN E 22 21.79 -12.82 27.35
CA ASN E 22 20.63 -12.87 28.22
C ASN E 22 19.40 -12.35 27.48
N LEU E 23 19.58 -11.30 26.67
CA LEU E 23 18.48 -10.75 25.86
C LEU E 23 18.04 -11.72 24.77
N MET E 24 19.02 -12.32 24.10
CA MET E 24 18.73 -13.29 23.06
C MET E 24 17.82 -14.39 23.59
N ARG E 25 18.14 -14.84 24.81
CA ARG E 25 17.43 -15.96 25.43
C ARG E 25 16.00 -15.59 25.83
N LEU E 26 15.81 -14.38 26.36
CA LEU E 26 14.49 -13.91 26.83
C LEU E 26 13.40 -13.89 25.75
N LYS E 27 13.68 -13.27 24.61
CA LYS E 27 12.71 -13.21 23.51
C LYS E 27 12.37 -14.60 22.98
N SER E 28 13.37 -15.48 22.98
CA SER E 28 13.16 -16.87 22.63
C SER E 28 12.04 -17.50 23.45
N ASP E 29 12.19 -17.43 24.77
CA ASP E 29 11.27 -18.06 25.71
C ASP E 29 9.87 -17.48 25.66
N LEU E 30 9.76 -16.17 25.41
CA LEU E 30 8.49 -15.48 25.49
C LEU E 30 7.58 -15.67 24.27
N PHE E 31 8.14 -15.70 23.07
CA PHE E 31 7.31 -15.63 21.86
C PHE E 31 7.09 -16.93 21.10
N ASN E 32 8.18 -17.66 20.86
CA ASN E 32 8.19 -18.86 20.05
C ASN E 32 7.88 -20.19 20.74
N ARG E 33 8.18 -20.32 22.02
CA ARG E 33 7.94 -21.56 22.75
C ARG E 33 6.44 -21.86 22.89
N SER E 34 5.61 -20.82 22.94
CA SER E 34 4.15 -20.95 23.08
C SER E 34 3.40 -20.30 21.90
N PRO E 35 2.13 -20.69 21.65
CA PRO E 35 1.39 -19.93 20.62
C PRO E 35 1.13 -18.51 21.10
N MET E 36 0.88 -17.56 20.20
CA MET E 36 0.66 -16.18 20.64
C MET E 36 -0.55 -16.02 21.56
N TYR E 37 -0.42 -15.12 22.52
CA TYR E 37 -1.50 -14.67 23.39
C TYR E 37 -2.71 -14.38 22.52
N PRO E 38 -3.83 -15.06 22.82
CA PRO E 38 -5.02 -15.00 21.98
C PRO E 38 -5.94 -13.85 22.32
N GLY E 39 -5.51 -12.94 23.19
CA GLY E 39 -6.34 -11.82 23.60
C GLY E 39 -7.05 -12.09 24.91
N PRO E 40 -7.62 -11.06 25.53
CA PRO E 40 -8.29 -11.23 26.83
C PRO E 40 -9.65 -11.92 26.71
N THR E 41 -10.13 -12.44 27.83
CA THR E 41 -11.46 -13.01 27.94
C THR E 41 -12.09 -12.52 29.25
N LYS E 42 -13.31 -12.93 29.55
CA LYS E 42 -13.94 -12.48 30.78
C LYS E 42 -13.30 -13.21 31.96
N ASP E 43 -12.66 -14.35 31.69
CA ASP E 43 -11.90 -15.08 32.71
C ASP E 43 -10.55 -14.39 32.97
N ASP E 44 -9.89 -13.93 31.91
CA ASP E 44 -8.61 -13.23 32.05
C ASP E 44 -8.69 -11.85 31.43
N PRO E 45 -9.38 -10.91 32.10
CA PRO E 45 -9.58 -9.60 31.47
C PRO E 45 -8.30 -8.79 31.48
N LEU E 46 -8.33 -7.63 30.85
CA LEU E 46 -7.13 -6.84 30.68
C LEU E 46 -7.47 -5.37 30.84
N THR E 47 -6.59 -4.61 31.47
CA THR E 47 -6.76 -3.17 31.55
C THR E 47 -5.80 -2.43 30.62
N VAL E 48 -6.34 -1.58 29.75
CA VAL E 48 -5.52 -0.77 28.85
C VAL E 48 -5.66 0.69 29.27
N THR E 49 -4.52 1.32 29.53
CA THR E 49 -4.48 2.75 29.83
C THR E 49 -4.09 3.52 28.59
N LEU E 50 -4.87 4.55 28.29
CA LEU E 50 -4.75 5.37 27.10
C LEU E 50 -4.41 6.82 27.44
N GLY E 51 -3.56 7.43 26.64
CA GLY E 51 -3.25 8.85 26.82
C GLY E 51 -2.84 9.45 25.49
N PHE E 52 -3.25 10.69 25.27
CA PHE E 52 -2.95 11.39 24.03
C PHE E 52 -2.01 12.56 24.30
N THR E 53 -1.08 12.77 23.36
CA THR E 53 -0.23 13.93 23.33
C THR E 53 -0.50 14.62 22.00
N LEU E 54 -1.19 15.75 22.03
CA LEU E 54 -1.62 16.43 20.81
C LEU E 54 -0.51 17.33 20.24
N GLN E 55 -0.12 17.09 19.00
CA GLN E 55 0.96 17.86 18.38
C GLN E 55 0.47 19.03 17.56
N ASP E 56 -0.55 18.80 16.74
CA ASP E 56 -1.10 19.88 15.96
C ASP E 56 -2.43 19.49 15.40
N ILE E 57 -3.26 20.49 15.15
CA ILE E 57 -4.44 20.35 14.31
C ILE E 57 -3.96 20.72 12.91
N VAL E 58 -3.88 19.75 12.02
CA VAL E 58 -3.17 19.96 10.77
C VAL E 58 -4.09 20.22 9.58
N LYS E 59 -5.39 20.00 9.74
CA LYS E 59 -6.34 20.34 8.67
C LYS E 59 -7.75 20.52 9.23
N VAL E 60 -8.42 21.53 8.71
CA VAL E 60 -9.79 21.83 9.07
C VAL E 60 -10.56 22.09 7.79
N ASP E 61 -11.54 21.23 7.51
CA ASP E 61 -12.28 21.26 6.25
C ASP E 61 -13.77 21.46 6.48
N SER E 62 -14.22 22.70 6.28
CA SER E 62 -15.59 23.07 6.54
C SER E 62 -16.57 22.62 5.46
N SER E 63 -16.06 22.27 4.28
CA SER E 63 -16.96 21.83 3.21
C SER E 63 -17.39 20.37 3.39
N THR E 64 -16.58 19.56 4.08
CA THR E 64 -16.89 18.15 4.29
C THR E 64 -17.06 17.78 5.76
N ASN E 65 -16.83 18.75 6.65
CA ASN E 65 -16.86 18.53 8.10
C ASN E 65 -15.86 17.46 8.54
N GLU E 66 -14.60 17.67 8.18
CA GLU E 66 -13.52 16.75 8.52
C GLU E 66 -12.41 17.55 9.18
N VAL E 67 -11.87 17.07 10.29
CA VAL E 67 -10.70 17.69 10.93
C VAL E 67 -9.60 16.64 11.07
N ASP E 68 -8.36 17.03 10.81
CA ASP E 68 -7.21 16.13 10.91
C ASP E 68 -6.35 16.51 12.11
N LEU E 69 -6.02 15.53 12.94
CA LEU E 69 -5.12 15.71 14.07
C LEU E 69 -3.86 14.90 13.91
N VAL E 70 -2.75 15.40 14.44
CA VAL E 70 -1.56 14.60 14.61
C VAL E 70 -1.27 14.49 16.10
N TYR E 71 -1.14 13.26 16.59
CA TYR E 71 -0.91 13.03 18.01
C TYR E 71 -0.08 11.78 18.25
N TYR E 72 0.43 11.65 19.47
CA TYR E 72 1.05 10.43 19.98
C TYR E 72 0.02 9.74 20.86
N GLU E 73 -0.26 8.46 20.61
CA GLU E 73 -1.25 7.73 21.42
C GLU E 73 -0.54 6.71 22.28
N GLN E 74 -0.50 6.96 23.57
CA GLN E 74 0.17 6.05 24.47
C GLN E 74 -0.78 4.96 24.96
N GLN E 75 -0.39 3.70 24.74
CA GLN E 75 -1.19 2.57 25.23
C GLN E 75 -0.31 1.74 26.14
N ARG E 76 -0.86 1.33 27.29
CA ARG E 76 -0.13 0.53 28.27
C ARG E 76 -1.02 -0.60 28.75
N TRP E 77 -0.48 -1.82 28.81
CA TRP E 77 -1.22 -2.93 29.40
C TRP E 77 -0.22 -3.90 30.02
N LYS E 78 -0.74 -4.94 30.67
CA LYS E 78 0.13 -5.87 31.36
C LYS E 78 -0.31 -7.32 31.16
N LEU E 79 0.62 -8.18 30.76
CA LEU E 79 0.33 -9.60 30.60
C LEU E 79 1.21 -10.45 31.51
N ASN E 80 0.59 -11.35 32.26
CA ASN E 80 1.29 -12.32 33.09
C ASN E 80 2.20 -13.20 32.25
N SER E 81 1.76 -13.49 31.02
CA SER E 81 2.53 -14.34 30.12
C SER E 81 3.79 -13.65 29.59
N LEU E 82 3.99 -12.38 29.94
CA LEU E 82 5.19 -11.66 29.49
C LEU E 82 6.13 -11.34 30.66
N MET E 83 5.89 -11.95 31.81
CA MET E 83 6.75 -11.75 32.97
C MET E 83 8.03 -12.58 32.89
N TRP E 84 9.10 -12.08 33.51
CA TRP E 84 10.31 -12.87 33.67
C TRP E 84 11.09 -12.42 34.89
N ASP E 85 12.10 -13.21 35.24
CA ASP E 85 13.00 -12.92 36.34
C ASP E 85 14.24 -12.17 35.82
N PRO E 86 14.48 -10.95 36.33
CA PRO E 86 15.69 -10.22 35.92
C PRO E 86 17.06 -10.93 36.17
N ASN E 87 17.36 -11.50 37.36
CA ASN E 87 18.64 -12.21 37.57
C ASN E 87 18.70 -13.59 36.88
N GLU E 88 17.60 -14.08 36.30
CA GLU E 88 17.70 -15.29 35.47
C GLU E 88 18.00 -14.81 34.04
N TYR E 89 18.16 -13.49 33.89
CA TYR E 89 18.41 -12.92 32.58
C TYR E 89 19.37 -11.72 32.62
N GLY E 90 20.48 -11.87 33.33
CA GLY E 90 21.52 -10.85 33.32
C GLY E 90 21.10 -9.49 33.79
N ASN E 91 20.19 -9.49 34.76
CA ASN E 91 19.64 -8.27 35.36
C ASN E 91 18.94 -7.38 34.31
N ILE E 92 18.47 -8.01 33.22
CA ILE E 92 17.67 -7.29 32.23
C ILE E 92 16.26 -6.97 32.73
N THR E 93 15.86 -5.71 32.63
CA THR E 93 14.58 -5.29 33.18
C THR E 93 13.54 -5.01 32.10
N ASP E 94 13.99 -4.86 30.85
CA ASP E 94 13.06 -4.58 29.74
C ASP E 94 13.71 -4.87 28.40
N PHE E 95 12.90 -4.90 27.35
CA PHE E 95 13.43 -4.95 26.00
C PHE E 95 12.46 -4.32 25.01
N ARG E 96 12.94 -4.03 23.81
CA ARG E 96 12.11 -3.50 22.75
C ARG E 96 11.90 -4.49 21.63
N THR E 97 10.70 -4.49 21.07
CA THR E 97 10.42 -5.47 20.04
C THR E 97 9.36 -4.94 19.08
N SER E 98 9.38 -5.45 17.85
CA SER E 98 8.41 -5.07 16.85
C SER E 98 7.01 -5.35 17.38
N ALA E 99 6.09 -4.41 17.17
CA ALA E 99 4.72 -4.56 17.64
C ALA E 99 4.04 -5.74 16.97
N ALA E 100 4.56 -6.16 15.81
CA ALA E 100 4.04 -7.34 15.11
C ALA E 100 4.34 -8.63 15.86
N ASP E 101 5.38 -8.62 16.70
CA ASP E 101 5.74 -9.80 17.49
C ASP E 101 4.83 -10.06 18.67
N ILE E 102 4.01 -9.08 19.03
CA ILE E 102 3.16 -9.23 20.21
C ILE E 102 1.72 -8.85 19.91
N TRP E 103 0.84 -9.34 20.76
CA TRP E 103 -0.54 -8.91 20.75
C TRP E 103 -0.61 -7.44 21.14
N THR E 104 -1.45 -6.68 20.45
CA THR E 104 -1.75 -5.30 20.83
C THR E 104 -3.26 -5.12 20.81
N PRO E 105 -3.79 -4.18 21.61
CA PRO E 105 -5.25 -4.04 21.64
C PRO E 105 -5.83 -3.33 20.42
N ASP E 106 -7.08 -3.64 20.14
CA ASP E 106 -7.78 -3.11 18.97
C ASP E 106 -8.48 -1.79 19.28
N ILE E 107 -7.79 -0.90 20.01
CA ILE E 107 -8.36 0.41 20.32
C ILE E 107 -8.44 1.24 19.04
N THR E 108 -9.62 1.78 18.76
CA THR E 108 -9.92 2.43 17.48
C THR E 108 -10.70 3.71 17.68
N ALA E 109 -10.45 4.71 16.84
CA ALA E 109 -11.32 5.88 16.75
C ALA E 109 -12.66 5.45 16.13
N TYR E 110 -13.78 5.81 16.75
CA TYR E 110 -15.08 5.32 16.26
C TYR E 110 -15.63 6.15 15.09
N SER E 111 -15.07 7.34 14.89
CA SER E 111 -15.59 8.22 13.87
C SER E 111 -14.51 8.72 12.92
N SER E 112 -13.54 7.89 12.60
CA SER E 112 -12.58 8.29 11.58
C SER E 112 -13.29 8.33 10.22
N THR E 113 -12.72 9.10 9.30
CA THR E 113 -13.29 9.24 7.97
C THR E 113 -12.33 8.69 6.91
N ARG E 114 -11.11 8.41 7.33
CA ARG E 114 -10.06 7.88 6.44
C ARG E 114 -9.24 6.92 7.26
N PRO E 115 -8.52 5.97 6.62
CA PRO E 115 -7.65 5.09 7.41
C PRO E 115 -6.64 5.93 8.21
N VAL E 116 -6.41 5.59 9.47
CA VAL E 116 -5.44 6.30 10.28
C VAL E 116 -4.05 6.06 9.69
N GLN E 117 -3.23 7.09 9.67
CA GLN E 117 -1.84 6.93 9.20
C GLN E 117 -0.83 6.92 10.34
N VAL E 118 0.09 5.95 10.33
CA VAL E 118 1.09 5.81 11.37
C VAL E 118 2.37 6.54 10.98
N LEU E 119 2.88 7.36 11.89
CA LEU E 119 4.00 8.24 11.61
C LEU E 119 5.30 7.83 12.29
N SER E 120 5.24 6.77 13.08
CA SER E 120 6.40 6.35 13.86
C SER E 120 6.64 4.84 13.69
N PRO E 121 7.85 4.38 14.05
CA PRO E 121 8.11 2.94 14.05
C PRO E 121 7.14 2.25 14.98
N GLN E 122 6.79 1.01 14.69
CA GLN E 122 5.86 0.31 15.53
C GLN E 122 6.63 -0.69 16.35
N ILE E 123 7.15 -0.18 17.47
CA ILE E 123 8.00 -0.91 18.37
C ILE E 123 7.42 -0.70 19.75
N ALA E 124 7.28 -1.78 20.52
CA ALA E 124 6.73 -1.72 21.85
C ALA E 124 7.85 -1.97 22.85
N VAL E 125 7.64 -1.50 24.08
CA VAL E 125 8.56 -1.74 25.18
C VAL E 125 7.91 -2.69 26.18
N VAL E 126 8.60 -3.79 26.46
CA VAL E 126 8.11 -4.82 27.38
C VAL E 126 8.99 -4.82 28.62
N THR E 127 8.41 -4.82 29.82
CA THR E 127 9.19 -4.87 31.06
C THR E 127 8.97 -6.21 31.77
N HIS E 128 9.87 -6.54 32.70
CA HIS E 128 9.86 -7.86 33.36
C HIS E 128 8.64 -8.14 34.24
N ASP E 129 7.90 -7.11 34.65
CA ASP E 129 6.66 -7.33 35.38
C ASP E 129 5.53 -7.61 34.38
N GLY E 130 5.86 -7.71 33.11
CA GLY E 130 4.87 -8.04 32.09
C GLY E 130 4.19 -6.81 31.50
N SER E 131 4.64 -5.63 31.92
CA SER E 131 4.08 -4.38 31.40
C SER E 131 4.50 -4.15 29.95
N VAL E 132 3.56 -3.69 29.10
CA VAL E 132 3.86 -3.33 27.71
C VAL E 132 3.42 -1.92 27.43
N MET E 133 4.29 -1.12 26.82
CA MET E 133 3.91 0.22 26.38
C MET E 133 4.19 0.42 24.88
N PHE E 134 3.25 1.03 24.19
CA PHE E 134 3.28 1.14 22.74
C PHE E 134 2.73 2.53 22.41
N ILE E 135 3.54 3.35 21.74
CA ILE E 135 3.20 4.75 21.55
C ILE E 135 3.30 5.14 20.08
N PRO E 136 2.27 4.77 19.30
CA PRO E 136 2.34 5.18 17.90
C PRO E 136 1.97 6.66 17.69
N ALA E 137 2.77 7.35 16.89
CA ALA E 137 2.39 8.68 16.40
C ALA E 137 1.44 8.49 15.24
N GLN E 138 0.37 9.28 15.19
CA GLN E 138 -0.68 9.07 14.21
C GLN E 138 -1.25 10.34 13.62
N ARG E 139 -1.69 10.27 12.37
CA ARG E 139 -2.51 11.32 11.77
C ARG E 139 -3.91 10.79 11.58
N LEU E 140 -4.88 11.45 12.19
CA LEU E 140 -6.27 11.00 12.15
C LEU E 140 -7.19 12.03 11.50
N SER E 141 -8.02 11.59 10.54
CA SER E 141 -9.12 12.38 9.99
C SER E 141 -10.43 11.91 10.63
N PHE E 142 -11.21 12.82 11.18
CA PHE E 142 -12.44 12.41 11.84
C PHE E 142 -13.55 13.42 11.64
N MET E 143 -14.77 13.02 11.97
CA MET E 143 -15.94 13.85 11.75
C MET E 143 -16.02 15.02 12.71
N CYS E 144 -16.05 16.23 12.15
CA CYS E 144 -16.21 17.43 12.96
C CYS E 144 -16.65 18.61 12.12
N ASP E 145 -17.78 19.20 12.49
CA ASP E 145 -18.23 20.47 11.92
C ASP E 145 -17.43 21.60 12.58
N PRO E 146 -16.54 22.25 11.82
CA PRO E 146 -15.68 23.25 12.45
C PRO E 146 -16.25 24.66 12.50
N THR E 147 -17.52 24.83 12.15
CA THR E 147 -18.14 26.15 12.18
C THR E 147 -17.94 26.82 13.54
N GLY E 148 -17.40 28.03 13.54
CA GLY E 148 -17.12 28.78 14.76
C GLY E 148 -15.63 28.79 15.12
N VAL E 149 -14.81 28.13 14.32
CA VAL E 149 -13.39 28.05 14.61
C VAL E 149 -12.72 29.42 14.45
N ASP E 150 -13.24 30.24 13.54
CA ASP E 150 -12.68 31.57 13.29
C ASP E 150 -13.34 32.64 14.15
N SER E 151 -13.93 32.23 15.28
CA SER E 151 -14.53 33.16 16.21
C SER E 151 -13.74 33.15 17.52
N GLU E 152 -14.09 34.05 18.44
CA GLU E 152 -13.38 34.11 19.72
C GLU E 152 -13.70 32.89 20.58
N GLU E 153 -14.95 32.45 20.53
CA GLU E 153 -15.40 31.26 21.27
C GLU E 153 -14.77 29.97 20.77
N GLY E 154 -14.51 29.91 19.48
CA GLY E 154 -13.99 28.70 18.87
C GLY E 154 -15.03 27.61 18.65
N VAL E 155 -14.57 26.38 18.57
CA VAL E 155 -15.45 25.26 18.26
C VAL E 155 -14.96 24.02 19.00
N THR E 156 -15.87 23.10 19.29
CA THR E 156 -15.54 21.85 19.95
C THR E 156 -15.68 20.66 19.00
N CYS E 157 -14.63 19.84 18.93
CA CYS E 157 -14.64 18.58 18.18
C CYS E 157 -14.50 17.45 19.18
N ALA E 158 -15.05 16.29 18.85
CA ALA E 158 -14.92 15.12 19.72
C ALA E 158 -14.78 13.84 18.93
N VAL E 159 -13.95 12.92 19.42
CA VAL E 159 -13.88 11.58 18.81
C VAL E 159 -13.65 10.56 19.93
N LYS E 160 -14.44 9.48 19.91
CA LYS E 160 -14.35 8.44 20.91
C LYS E 160 -13.40 7.34 20.47
N PHE E 161 -12.64 6.79 21.42
CA PHE E 161 -11.77 5.65 21.19
C PHE E 161 -12.18 4.47 22.04
N GLY E 162 -12.20 3.28 21.45
CA GLY E 162 -12.51 2.09 22.24
C GLY E 162 -12.19 0.84 21.45
N SER E 163 -12.23 -0.30 22.13
CA SER E 163 -12.03 -1.60 21.50
C SER E 163 -13.09 -1.88 20.45
N TRP E 164 -12.67 -2.45 19.32
CA TRP E 164 -13.62 -2.74 18.26
C TRP E 164 -14.47 -3.97 18.59
N VAL E 165 -13.89 -4.92 19.32
CA VAL E 165 -14.61 -6.17 19.57
C VAL E 165 -14.72 -6.60 21.02
N TYR E 166 -13.96 -5.98 21.93
CA TYR E 166 -14.03 -6.44 23.33
C TYR E 166 -14.91 -5.54 24.18
N SER E 167 -15.79 -6.14 24.98
CA SER E 167 -16.59 -5.38 25.94
C SER E 167 -15.73 -4.99 27.12
N GLY E 168 -16.29 -4.19 28.01
CA GLY E 168 -15.60 -3.79 29.23
C GLY E 168 -15.30 -4.92 30.22
N PHE E 169 -15.92 -6.08 30.03
CA PHE E 169 -15.62 -7.27 30.86
C PHE E 169 -14.37 -8.00 30.39
N GLU E 170 -13.81 -7.53 29.26
CA GLU E 170 -12.64 -8.15 28.65
C GLU E 170 -11.48 -7.19 28.53
N ILE E 171 -11.78 -5.98 28.07
CA ILE E 171 -10.80 -4.91 28.11
C ILE E 171 -11.37 -3.75 28.90
N ASP E 172 -10.77 -3.47 30.05
CA ASP E 172 -11.14 -2.25 30.76
C ASP E 172 -10.25 -1.13 30.24
N LEU E 173 -10.87 -0.05 29.78
CA LEU E 173 -10.15 1.11 29.29
C LEU E 173 -10.13 2.18 30.34
N LYS E 174 -8.98 2.78 30.57
CA LYS E 174 -8.87 3.89 31.51
C LYS E 174 -7.87 4.92 31.03
N THR E 175 -7.91 6.11 31.62
CA THR E 175 -6.84 7.10 31.45
C THR E 175 -6.19 7.34 32.83
N ASP E 176 -4.98 7.87 32.84
CA ASP E 176 -4.30 8.21 34.10
C ASP E 176 -4.65 9.64 34.48
N THR E 177 -5.03 10.41 33.47
CA THR E 177 -5.42 11.80 33.65
C THR E 177 -6.45 12.15 32.60
N ASP E 178 -7.33 13.09 32.92
CA ASP E 178 -8.32 13.54 31.97
C ASP E 178 -7.79 14.72 31.15
N GLN E 179 -6.56 15.12 31.41
CA GLN E 179 -5.95 16.21 30.67
C GLN E 179 -5.07 15.70 29.53
N VAL E 180 -5.42 16.07 28.30
CA VAL E 180 -4.56 15.78 27.15
C VAL E 180 -3.22 16.50 27.35
N ASP E 181 -2.14 15.79 27.09
CA ASP E 181 -0.81 16.37 27.15
C ASP E 181 -0.61 17.37 26.01
N LEU E 182 -0.47 18.65 26.35
CA LEU E 182 -0.29 19.68 25.34
C LEU E 182 1.12 20.27 25.30
N SER E 183 2.05 19.67 26.03
CA SER E 183 3.39 20.26 26.17
C SER E 183 4.19 20.22 24.86
N SER E 184 3.76 19.42 23.90
CA SER E 184 4.44 19.35 22.62
C SER E 184 3.60 19.94 21.50
N TYR E 185 2.52 20.61 21.86
CA TYR E 185 1.67 21.20 20.83
C TYR E 185 2.50 22.24 20.06
N TYR E 186 2.44 22.20 18.74
CA TYR E 186 3.29 23.02 17.88
C TYR E 186 3.17 24.53 18.18
N ALA E 187 4.30 25.15 18.48
CA ALA E 187 4.30 26.53 18.98
C ALA E 187 3.79 27.53 17.94
N SER E 188 3.94 27.22 16.66
CA SER E 188 3.44 28.14 15.63
C SER E 188 2.20 27.61 14.92
N SER E 189 1.43 26.79 15.61
CA SER E 189 0.20 26.25 15.05
C SER E 189 -0.77 27.33 14.58
N LYS E 190 -1.57 26.99 13.58
CA LYS E 190 -2.62 27.88 13.10
C LYS E 190 -3.73 28.04 14.15
N TYR E 191 -3.76 27.11 15.11
CA TYR E 191 -4.86 27.11 16.09
C TYR E 191 -4.39 27.20 17.54
N GLU E 192 -5.23 27.80 18.36
CA GLU E 192 -5.01 27.86 19.80
C GLU E 192 -5.93 26.84 20.46
N ILE E 193 -5.38 26.01 21.33
CA ILE E 193 -6.20 25.03 22.03
C ILE E 193 -6.81 25.66 23.28
N LEU E 194 -8.14 25.69 23.35
CA LEU E 194 -8.81 26.27 24.51
C LEU E 194 -8.96 25.21 25.61
N SER E 195 -9.22 23.97 25.21
CA SER E 195 -9.19 22.84 26.14
C SER E 195 -9.10 21.53 25.38
N ALA E 196 -8.51 20.53 26.02
CA ALA E 196 -8.33 19.22 25.44
C ALA E 196 -8.37 18.20 26.57
N THR E 197 -9.39 17.37 26.57
CA THR E 197 -9.59 16.36 27.60
C THR E 197 -9.80 14.97 27.02
N GLN E 198 -9.48 13.98 27.84
CA GLN E 198 -9.63 12.58 27.50
C GLN E 198 -10.34 11.87 28.67
N THR E 199 -11.60 11.52 28.48
CA THR E 199 -12.41 11.07 29.60
C THR E 199 -12.99 9.69 29.35
N ARG E 200 -12.76 8.79 30.29
CA ARG E 200 -13.34 7.46 30.25
C ARG E 200 -14.85 7.56 30.38
N GLN E 201 -15.57 6.90 29.47
CA GLN E 201 -17.02 6.89 29.60
C GLN E 201 -17.49 5.45 29.57
N VAL E 202 -18.46 5.14 30.42
CA VAL E 202 -19.00 3.80 30.46
C VAL E 202 -20.44 3.84 29.98
N GLN E 203 -20.76 2.94 29.06
CA GLN E 203 -22.10 2.90 28.50
C GLN E 203 -22.72 1.52 28.66
N HIS E 204 -23.97 1.49 29.09
CA HIS E 204 -24.76 0.26 29.14
C HIS E 204 -25.93 0.34 28.18
N TYR E 205 -26.23 -0.78 27.53
CA TYR E 205 -27.40 -0.86 26.68
C TYR E 205 -28.35 -1.76 27.45
N SER E 206 -29.63 -1.41 27.44
CA SER E 206 -30.62 -2.13 28.26
C SER E 206 -30.64 -3.63 28.01
N CYS E 207 -30.44 -4.00 26.74
CA CYS E 207 -30.53 -5.39 26.33
C CYS E 207 -29.46 -6.23 27.02
N CYS E 208 -28.37 -5.59 27.42
CA CYS E 208 -27.15 -6.33 27.73
C CYS E 208 -26.48 -5.81 29.00
N PRO E 209 -26.07 -6.73 29.89
CA PRO E 209 -25.47 -6.41 31.19
C PRO E 209 -24.02 -5.96 31.08
N GLU E 210 -23.30 -6.38 30.05
CA GLU E 210 -21.88 -6.04 30.00
C GLU E 210 -21.69 -4.57 29.63
N PRO E 211 -20.73 -3.90 30.28
CA PRO E 211 -20.52 -2.48 29.95
C PRO E 211 -19.65 -2.31 28.70
N TYR E 212 -19.77 -1.17 28.03
CA TYR E 212 -18.89 -0.81 26.92
C TYR E 212 -18.20 0.50 27.26
N ILE E 213 -16.90 0.51 27.05
CA ILE E 213 -16.07 1.61 27.51
C ILE E 213 -15.43 2.34 26.34
N ASP E 214 -15.44 3.67 26.42
CA ASP E 214 -14.66 4.45 25.47
C ASP E 214 -13.91 5.57 26.18
N VAL E 215 -12.90 6.10 25.52
CA VAL E 215 -12.25 7.32 25.98
C VAL E 215 -12.62 8.43 24.99
N ASN E 216 -13.24 9.48 25.51
CA ASN E 216 -13.71 10.58 24.69
C ASN E 216 -12.66 11.68 24.62
N LEU E 217 -12.09 11.87 23.44
CA LEU E 217 -11.14 12.93 23.17
C LEU E 217 -11.91 14.15 22.72
N VAL E 218 -11.92 15.20 23.54
CA VAL E 218 -12.68 16.40 23.26
C VAL E 218 -11.75 17.58 23.17
N VAL E 219 -11.71 18.24 22.00
CA VAL E 219 -10.82 19.37 21.81
C VAL E 219 -11.58 20.62 21.42
N LYS E 220 -11.44 21.67 22.23
CA LYS E 220 -12.01 22.98 21.91
C LYS E 220 -10.90 23.88 21.40
N PHE E 221 -11.10 24.51 20.24
CA PHE E 221 -10.03 25.30 19.66
C PHE E 221 -10.55 26.41 18.77
N ARG E 222 -9.66 27.34 18.43
CA ARG E 222 -9.99 28.46 17.55
C ARG E 222 -8.76 28.88 16.75
N GLU E 223 -8.99 29.58 15.64
CA GLU E 223 -7.88 30.15 14.87
C GLU E 223 -7.10 31.16 15.70
N ARG E 224 -5.77 31.07 15.65
CA ARG E 224 -4.92 31.97 16.41
C ARG E 224 -4.76 33.35 15.80
N ARG E 225 -4.90 34.39 16.62
CA ARG E 225 -4.52 35.73 16.20
C ARG E 225 -3.33 36.22 17.05
N GLY F 1 -28.17 2.33 19.56
CA GLY F 1 -28.31 1.32 20.59
C GLY F 1 -27.19 0.30 20.46
N CYS F 2 -27.38 -0.87 21.06
CA CYS F 2 -26.35 -1.91 21.08
C CYS F 2 -25.84 -2.25 19.69
N CYS F 3 -26.78 -2.39 18.75
CA CYS F 3 -26.47 -2.91 17.42
C CYS F 3 -25.67 -1.94 16.57
N SER F 4 -25.61 -0.67 16.98
CA SER F 4 -24.79 0.29 16.25
C SER F 4 -23.41 0.29 16.85
N HIS F 5 -23.24 -0.42 17.96
CA HIS F 5 -21.92 -0.52 18.57
C HIS F 5 -21.30 -1.88 18.16
N PRO F 6 -20.22 -1.83 17.39
CA PRO F 6 -19.64 -3.04 16.79
C PRO F 6 -19.33 -4.11 17.83
N ALA F 7 -18.70 -3.72 18.95
CA ALA F 7 -18.38 -4.68 19.99
C ALA F 7 -19.64 -5.27 20.61
N CYS F 8 -20.64 -4.42 20.81
CA CYS F 8 -21.89 -4.91 21.43
C CYS F 8 -22.63 -5.81 20.46
N ALA F 9 -22.68 -5.42 19.19
CA ALA F 9 -23.33 -6.24 18.17
C ALA F 9 -22.76 -7.66 18.15
N GLY F 10 -21.42 -7.77 18.15
CA GLY F 10 -20.73 -9.05 18.12
C GLY F 10 -20.94 -9.95 19.33
N ASN F 11 -21.26 -9.33 20.47
CA ASN F 11 -21.55 -10.06 21.71
C ASN F 11 -23.01 -10.44 21.81
N ASN F 12 -23.81 -9.82 20.97
CA ASN F 12 -25.26 -10.01 21.02
C ASN F 12 -25.85 -10.24 19.63
N GLN F 13 -25.32 -11.27 18.98
CA GLN F 13 -25.63 -11.56 17.59
C GLN F 13 -27.07 -12.03 17.45
N HIS F 14 -27.61 -12.57 18.54
CA HIS F 14 -29.00 -13.02 18.56
C HIS F 14 -30.01 -11.87 18.45
N ILE F 15 -29.58 -10.65 18.77
CA ILE F 15 -30.47 -9.50 18.68
C ILE F 15 -30.12 -8.62 17.48
N CYS F 16 -28.86 -8.63 17.10
CA CYS F 16 -28.32 -7.66 16.16
C CYS F 16 -27.98 -8.36 14.85
N SER G 19 7.16 -30.52 -22.83
CA SER G 19 7.25 -29.11 -23.17
C SER G 19 6.90 -28.20 -22.00
N GLN G 20 5.68 -28.38 -21.47
CA GLN G 20 5.30 -27.74 -20.21
C GLN G 20 6.14 -28.32 -19.08
N ALA G 21 6.46 -29.60 -19.20
CA ALA G 21 7.28 -30.27 -18.21
C ALA G 21 8.69 -29.70 -18.19
N ASN G 22 9.26 -29.56 -19.37
CA ASN G 22 10.62 -29.06 -19.51
C ASN G 22 10.79 -27.64 -18.95
N LEU G 23 9.81 -26.79 -19.21
CA LEU G 23 9.85 -25.42 -18.71
C LEU G 23 9.77 -25.35 -17.18
N MET G 24 8.81 -26.09 -16.61
CA MET G 24 8.70 -26.19 -15.16
C MET G 24 10.02 -26.64 -14.55
N ARG G 25 10.62 -27.63 -15.17
CA ARG G 25 11.88 -28.19 -14.70
C ARG G 25 12.98 -27.15 -14.79
N LEU G 26 13.03 -26.45 -15.91
CA LEU G 26 14.02 -25.39 -16.10
C LEU G 26 13.92 -24.33 -15.02
N LYS G 27 12.72 -23.83 -14.79
CA LYS G 27 12.52 -22.76 -13.82
C LYS G 27 12.88 -23.22 -12.40
N SER G 28 12.52 -24.46 -12.06
CA SER G 28 13.00 -25.07 -10.80
C SER G 28 14.51 -25.05 -10.70
N ASP G 29 15.20 -25.57 -11.71
CA ASP G 29 16.66 -25.67 -11.66
C ASP G 29 17.32 -24.32 -11.52
N LEU G 30 16.75 -23.29 -12.12
CA LEU G 30 17.36 -21.97 -12.08
C LEU G 30 17.08 -21.25 -10.75
N PHE G 31 15.87 -21.41 -10.23
CA PHE G 31 15.42 -20.59 -9.09
C PHE G 31 15.43 -21.34 -7.77
N ASN G 32 14.95 -22.59 -7.76
CA ASN G 32 14.85 -23.34 -6.51
C ASN G 32 16.16 -24.07 -6.14
N ARG G 33 16.89 -24.55 -7.15
CA ARG G 33 18.17 -25.25 -6.97
C ARG G 33 19.37 -24.41 -6.57
N SER G 34 19.39 -23.13 -6.95
CA SER G 34 20.61 -22.33 -6.73
C SER G 34 20.39 -21.23 -5.71
N PRO G 35 21.48 -20.80 -5.03
CA PRO G 35 21.27 -19.63 -4.18
C PRO G 35 21.08 -18.40 -5.05
N MET G 36 20.36 -17.39 -4.55
CA MET G 36 20.13 -16.21 -5.36
C MET G 36 21.45 -15.46 -5.56
N TYR G 37 21.59 -14.88 -6.74
CA TYR G 37 22.68 -13.99 -7.07
C TYR G 37 22.88 -12.94 -5.99
N PRO G 38 24.09 -12.88 -5.40
CA PRO G 38 24.33 -11.96 -4.29
C PRO G 38 24.68 -10.57 -4.79
N GLY G 39 24.51 -10.38 -6.10
CA GLY G 39 24.81 -9.10 -6.72
C GLY G 39 26.19 -9.13 -7.33
N PRO G 40 26.50 -8.12 -8.15
CA PRO G 40 27.82 -8.03 -8.79
C PRO G 40 28.91 -7.63 -7.79
N THR G 41 30.15 -7.92 -8.17
CA THR G 41 31.32 -7.48 -7.43
C THR G 41 32.30 -6.99 -8.48
N LYS G 42 33.47 -6.53 -8.05
CA LYS G 42 34.47 -6.06 -9.00
C LYS G 42 35.09 -7.27 -9.70
N ASP G 43 35.07 -8.42 -9.04
CA ASP G 43 35.56 -9.64 -9.64
C ASP G 43 34.58 -10.16 -10.67
N ASP G 44 33.29 -10.08 -10.36
CA ASP G 44 32.26 -10.54 -11.29
C ASP G 44 31.29 -9.41 -11.61
N PRO G 45 31.73 -8.45 -12.46
CA PRO G 45 30.94 -7.26 -12.73
C PRO G 45 29.74 -7.50 -13.66
N LEU G 46 28.96 -6.44 -13.88
CA LEU G 46 27.72 -6.51 -14.63
C LEU G 46 27.54 -5.26 -15.45
N THR G 47 27.05 -5.41 -16.67
CA THR G 47 26.66 -4.26 -17.49
C THR G 47 25.14 -4.17 -17.64
N VAL G 48 24.56 -3.03 -17.31
CA VAL G 48 23.13 -2.84 -17.51
C VAL G 48 22.91 -1.86 -18.64
N THR G 49 22.11 -2.26 -19.62
CA THR G 49 21.73 -1.36 -20.68
C THR G 49 20.39 -0.73 -20.37
N LEU G 50 20.34 0.60 -20.46
CA LEU G 50 19.15 1.35 -20.09
C LEU G 50 18.64 2.07 -21.34
N GLY G 51 17.33 2.14 -21.50
CA GLY G 51 16.71 2.86 -22.61
C GLY G 51 15.31 3.34 -22.24
N PHE G 52 14.93 4.52 -22.73
CA PHE G 52 13.60 5.08 -22.42
C PHE G 52 12.70 5.22 -23.63
N THR G 53 11.42 4.96 -23.42
CA THR G 53 10.40 5.25 -24.39
C THR G 53 9.39 6.20 -23.78
N LEU G 54 9.41 7.48 -24.18
CA LEU G 54 8.58 8.49 -23.55
C LEU G 54 7.14 8.49 -24.10
N GLN G 55 6.14 8.30 -23.22
CA GLN G 55 4.75 8.26 -23.66
C GLN G 55 4.05 9.60 -23.57
N ASP G 56 4.24 10.30 -22.46
CA ASP G 56 3.65 11.62 -22.32
C ASP G 56 4.28 12.35 -21.16
N ILE G 57 4.26 13.67 -21.27
CA ILE G 57 4.52 14.51 -20.13
C ILE G 57 3.12 14.77 -19.56
N VAL G 58 2.84 14.23 -18.38
CA VAL G 58 1.47 14.16 -17.88
C VAL G 58 1.12 15.19 -16.80
N LYS G 59 2.12 15.89 -16.29
CA LYS G 59 1.85 16.97 -15.35
C LYS G 59 3.04 17.91 -15.30
N VAL G 60 2.71 19.19 -15.23
CA VAL G 60 3.70 20.24 -15.08
C VAL G 60 3.23 21.20 -14.01
N ASP G 61 3.98 21.31 -12.91
CA ASP G 61 3.55 22.11 -11.76
C ASP G 61 4.57 23.22 -11.46
N SER G 62 4.26 24.44 -11.87
CA SER G 62 5.18 25.55 -11.73
C SER G 62 5.21 26.06 -10.29
N SER G 63 4.23 25.67 -9.50
CA SER G 63 4.17 26.12 -8.12
C SER G 63 5.11 25.32 -7.21
N THR G 64 5.42 24.08 -7.57
CA THR G 64 6.32 23.26 -6.75
C THR G 64 7.57 22.85 -7.50
N ASN G 65 7.63 23.21 -8.79
CA ASN G 65 8.72 22.80 -9.67
C ASN G 65 8.85 21.28 -9.76
N GLU G 66 7.74 20.66 -10.13
CA GLU G 66 7.66 19.21 -10.30
C GLU G 66 7.06 18.90 -11.68
N VAL G 67 7.67 17.96 -12.39
CA VAL G 67 7.14 17.48 -13.66
C VAL G 67 6.92 15.98 -13.60
N ASP G 68 5.81 15.51 -14.17
CA ASP G 68 5.52 14.07 -14.21
C ASP G 68 5.62 13.52 -15.63
N LEU G 69 6.37 12.43 -15.76
CA LEU G 69 6.53 11.71 -17.03
C LEU G 69 5.93 10.33 -16.94
N VAL G 70 5.41 9.84 -18.06
CA VAL G 70 5.06 8.43 -18.19
C VAL G 70 5.94 7.86 -19.30
N TYR G 71 6.66 6.78 -19.01
CA TYR G 71 7.57 6.16 -19.98
C TYR G 71 7.71 4.66 -19.73
N TYR G 72 8.28 3.97 -20.70
CA TYR G 72 8.70 2.58 -20.54
C TYR G 72 10.22 2.61 -20.32
N GLU G 73 10.70 1.95 -19.27
CA GLU G 73 12.13 1.93 -18.96
C GLU G 73 12.68 0.55 -19.24
N GLN G 74 13.45 0.41 -20.32
CA GLN G 74 13.97 -0.89 -20.70
C GLN G 74 15.31 -1.12 -20.02
N GLN G 75 15.42 -2.22 -19.30
CA GLN G 75 16.69 -2.62 -18.68
C GLN G 75 17.08 -4.00 -19.14
N ARG G 76 18.35 -4.17 -19.49
CA ARG G 76 18.89 -5.45 -19.91
C ARG G 76 20.24 -5.69 -19.22
N TRP G 77 20.42 -6.88 -18.67
CA TRP G 77 21.71 -7.30 -18.10
C TRP G 77 21.85 -8.81 -18.32
N LYS G 78 22.98 -9.36 -17.91
CA LYS G 78 23.28 -10.78 -18.14
C LYS G 78 23.92 -11.41 -16.90
N LEU G 79 23.39 -12.56 -16.48
CA LEU G 79 23.97 -13.29 -15.35
C LEU G 79 24.40 -14.67 -15.82
N ASN G 80 25.64 -15.07 -15.50
CA ASN G 80 26.07 -16.42 -15.84
C ASN G 80 25.21 -17.46 -15.16
N SER G 81 24.72 -17.13 -13.96
CA SER G 81 23.89 -18.05 -13.17
C SER G 81 22.51 -18.27 -13.75
N LEU G 82 22.17 -17.55 -14.82
CA LEU G 82 20.88 -17.73 -15.47
C LEU G 82 21.04 -18.39 -16.84
N MET G 83 22.24 -18.91 -17.12
CA MET G 83 22.47 -19.63 -18.37
C MET G 83 21.98 -21.06 -18.32
N TRP G 84 21.58 -21.58 -19.49
CA TRP G 84 21.34 -23.01 -19.63
C TRP G 84 21.57 -23.46 -21.06
N ASP G 85 21.65 -24.77 -21.23
CA ASP G 85 21.75 -25.39 -22.54
C ASP G 85 20.35 -25.81 -22.96
N PRO G 86 19.83 -25.21 -24.04
CA PRO G 86 18.50 -25.55 -24.57
C PRO G 86 18.34 -27.04 -24.86
N ASN G 87 19.42 -27.72 -25.26
CA ASN G 87 19.35 -29.13 -25.61
C ASN G 87 19.04 -30.01 -24.41
N GLU G 88 19.28 -29.49 -23.22
CA GLU G 88 18.98 -30.22 -22.01
C GLU G 88 17.57 -29.93 -21.50
N TYR G 89 16.84 -29.08 -22.22
CA TYR G 89 15.52 -28.63 -21.79
C TYR G 89 14.55 -28.52 -22.95
N GLY G 90 14.54 -29.53 -23.82
CA GLY G 90 13.58 -29.58 -24.92
C GLY G 90 13.70 -28.37 -25.85
N ASN G 91 14.92 -27.87 -25.98
CA ASN G 91 15.25 -26.73 -26.86
C ASN G 91 14.53 -25.43 -26.54
N ILE G 92 14.20 -25.23 -25.26
CA ILE G 92 13.64 -23.97 -24.81
C ILE G 92 14.78 -22.95 -24.79
N THR G 93 14.55 -21.79 -25.41
CA THR G 93 15.61 -20.77 -25.54
C THR G 93 15.38 -19.55 -24.65
N ASP G 94 14.15 -19.39 -24.19
CA ASP G 94 13.79 -18.28 -23.33
C ASP G 94 12.50 -18.56 -22.60
N PHE G 95 12.22 -17.78 -21.57
CA PHE G 95 10.93 -17.85 -20.89
C PHE G 95 10.61 -16.54 -20.19
N ARG G 96 9.36 -16.35 -19.82
CA ARG G 96 8.96 -15.16 -19.06
C ARG G 96 8.60 -15.56 -17.64
N THR G 97 8.95 -14.70 -16.69
CA THR G 97 8.70 -14.99 -15.28
C THR G 97 8.53 -13.70 -14.49
N SER G 98 7.85 -13.77 -13.36
CA SER G 98 7.67 -12.61 -12.52
C SER G 98 9.03 -12.02 -12.18
N ALA G 99 9.13 -10.70 -12.22
CA ALA G 99 10.38 -10.04 -11.89
C ALA G 99 10.78 -10.28 -10.43
N ALA G 100 9.83 -10.67 -9.58
CA ALA G 100 10.11 -11.02 -8.19
C ALA G 100 10.97 -12.29 -8.08
N ASP G 101 10.93 -13.13 -9.12
CA ASP G 101 11.71 -14.37 -9.13
C ASP G 101 13.19 -14.16 -9.35
N ILE G 102 13.58 -12.95 -9.74
CA ILE G 102 14.97 -12.71 -10.09
C ILE G 102 15.56 -11.47 -9.43
N TRP G 103 16.89 -11.46 -9.36
CA TRP G 103 17.65 -10.27 -8.98
C TRP G 103 17.44 -9.18 -10.04
N THR G 104 17.27 -7.94 -9.61
CA THR G 104 17.22 -6.82 -10.54
C THR G 104 18.15 -5.74 -10.01
N PRO G 105 18.69 -4.89 -10.90
CA PRO G 105 19.63 -3.83 -10.51
C PRO G 105 18.95 -2.64 -9.82
N ASP G 106 19.72 -1.93 -8.99
CA ASP G 106 19.19 -0.84 -8.16
C ASP G 106 19.27 0.51 -8.88
N ILE G 107 18.91 0.50 -10.16
CA ILE G 107 18.95 1.75 -10.94
C ILE G 107 17.86 2.68 -10.45
N THR G 108 18.22 3.91 -10.12
CA THR G 108 17.31 4.86 -9.49
C THR G 108 17.41 6.23 -10.11
N ALA G 109 16.29 6.92 -10.23
CA ALA G 109 16.28 8.34 -10.59
C ALA G 109 16.78 9.13 -9.39
N TYR G 110 17.77 10.02 -9.59
CA TYR G 110 18.36 10.67 -8.43
C TYR G 110 17.61 11.89 -7.90
N SER G 111 16.70 12.45 -8.69
CA SER G 111 15.99 13.64 -8.24
C SER G 111 14.47 13.46 -8.33
N SER G 112 13.99 12.25 -8.11
CA SER G 112 12.54 12.08 -8.03
C SER G 112 12.06 12.75 -6.76
N THR G 113 10.77 13.09 -6.73
CA THR G 113 10.16 13.75 -5.59
C THR G 113 9.08 12.89 -4.94
N ARG G 114 8.74 11.79 -5.61
CA ARG G 114 7.70 10.88 -5.12
C ARG G 114 8.11 9.46 -5.50
N PRO G 115 7.61 8.46 -4.76
CA PRO G 115 7.91 7.09 -5.16
C PRO G 115 7.43 6.84 -6.59
N VAL G 116 8.23 6.18 -7.42
CA VAL G 116 7.83 5.89 -8.79
C VAL G 116 6.61 4.97 -8.78
N GLN G 117 5.65 5.21 -9.65
CA GLN G 117 4.49 4.33 -9.74
C GLN G 117 4.62 3.40 -10.94
N VAL G 118 4.32 2.13 -10.72
CA VAL G 118 4.45 1.12 -11.74
C VAL G 118 3.11 0.95 -12.45
N LEU G 119 3.11 1.01 -13.78
CA LEU G 119 1.86 1.03 -14.55
C LEU G 119 1.59 -0.27 -15.31
N SER G 120 2.54 -1.20 -15.24
CA SER G 120 2.47 -2.42 -16.04
C SER G 120 2.79 -3.60 -15.17
N PRO G 121 2.51 -4.81 -15.68
CA PRO G 121 3.00 -6.01 -14.99
C PRO G 121 4.51 -5.96 -14.89
N GLN G 122 5.08 -6.59 -13.87
CA GLN G 122 6.53 -6.66 -13.70
C GLN G 122 6.97 -8.09 -13.98
N ILE G 123 7.27 -8.30 -15.25
CA ILE G 123 7.62 -9.61 -15.78
C ILE G 123 8.89 -9.48 -16.60
N ALA G 124 9.83 -10.38 -16.40
CA ALA G 124 11.09 -10.34 -17.13
C ALA G 124 11.12 -11.45 -18.18
N VAL G 125 11.96 -11.22 -19.20
CA VAL G 125 12.25 -12.25 -20.21
C VAL G 125 13.65 -12.73 -19.94
N VAL G 126 13.79 -14.03 -19.74
CA VAL G 126 15.08 -14.62 -19.45
C VAL G 126 15.45 -15.47 -20.67
N THR G 127 16.66 -15.30 -21.19
CA THR G 127 17.13 -16.08 -22.34
C THR G 127 18.24 -17.03 -21.90
N HIS G 128 18.47 -18.09 -22.68
CA HIS G 128 19.36 -19.19 -22.30
C HIS G 128 20.84 -18.79 -22.14
N ASP G 129 21.23 -17.63 -22.66
CA ASP G 129 22.59 -17.12 -22.43
C ASP G 129 22.74 -16.35 -21.11
N GLY G 130 21.68 -16.32 -20.31
CA GLY G 130 21.71 -15.62 -19.02
C GLY G 130 21.24 -14.16 -19.13
N SER G 131 20.82 -13.78 -20.32
CA SER G 131 20.33 -12.44 -20.59
C SER G 131 18.92 -12.24 -19.97
N VAL G 132 18.71 -11.07 -19.37
CA VAL G 132 17.41 -10.67 -18.83
C VAL G 132 17.02 -9.34 -19.40
N MET G 133 15.78 -9.24 -19.87
CA MET G 133 15.24 -7.96 -20.26
C MET G 133 13.97 -7.70 -19.46
N PHE G 134 13.86 -6.47 -18.98
CA PHE G 134 12.81 -6.09 -18.04
C PHE G 134 12.36 -4.69 -18.40
N ILE G 135 11.09 -4.54 -18.75
CA ILE G 135 10.59 -3.27 -19.26
C ILE G 135 9.30 -2.78 -18.58
N PRO G 136 9.43 -2.24 -17.36
CA PRO G 136 8.26 -1.71 -16.66
C PRO G 136 7.83 -0.35 -17.18
N ALA G 137 6.53 -0.15 -17.30
CA ALA G 137 5.98 1.18 -17.53
C ALA G 137 5.93 1.95 -16.20
N GLN G 138 6.26 3.24 -16.20
CA GLN G 138 6.36 3.97 -14.94
C GLN G 138 5.86 5.41 -15.03
N ARG G 139 5.36 5.92 -13.91
CA ARG G 139 5.08 7.35 -13.78
C ARG G 139 6.07 7.92 -12.78
N LEU G 140 6.84 8.91 -13.21
CA LEU G 140 7.90 9.51 -12.40
C LEU G 140 7.58 10.99 -12.15
N SER G 141 7.65 11.41 -10.88
CA SER G 141 7.63 12.82 -10.51
C SER G 141 9.05 13.24 -10.18
N PHE G 142 9.54 14.31 -10.81
CA PHE G 142 10.90 14.74 -10.52
C PHE G 142 11.06 16.26 -10.54
N MET G 143 12.19 16.72 -10.04
CA MET G 143 12.46 18.14 -9.85
C MET G 143 12.69 18.84 -11.17
N CYS G 144 11.87 19.83 -11.46
CA CYS G 144 12.01 20.62 -12.67
C CYS G 144 11.26 21.93 -12.61
N ASP G 145 11.99 23.03 -12.78
CA ASP G 145 11.44 24.36 -12.96
C ASP G 145 10.97 24.49 -14.41
N PRO G 146 9.65 24.54 -14.62
CA PRO G 146 9.07 24.55 -15.96
C PRO G 146 8.96 25.94 -16.58
N THR G 147 9.59 26.95 -16.00
CA THR G 147 9.54 28.31 -16.53
C THR G 147 9.98 28.36 -18.00
N GLY G 148 9.11 28.91 -18.85
CA GLY G 148 9.44 29.01 -20.26
C GLY G 148 8.77 27.94 -21.10
N VAL G 149 8.00 27.07 -20.45
CA VAL G 149 7.33 25.99 -21.16
C VAL G 149 6.28 26.59 -22.09
N ASP G 150 5.74 27.74 -21.69
CA ASP G 150 4.71 28.39 -22.48
C ASP G 150 5.31 29.35 -23.51
N SER G 151 6.57 29.14 -23.86
CA SER G 151 7.24 29.94 -24.89
C SER G 151 7.64 29.09 -26.11
N GLU G 152 8.09 29.76 -27.16
CA GLU G 152 8.50 29.07 -28.38
C GLU G 152 9.80 28.32 -28.16
N GLU G 153 10.65 28.93 -27.34
CA GLU G 153 11.93 28.37 -26.93
C GLU G 153 11.76 27.11 -26.09
N GLY G 154 10.69 27.07 -25.30
CA GLY G 154 10.41 25.95 -24.42
C GLY G 154 11.27 25.90 -23.16
N VAL G 155 11.38 24.71 -22.58
CA VAL G 155 12.10 24.53 -21.32
C VAL G 155 12.80 23.17 -21.33
N THR G 156 13.93 23.07 -20.63
CA THR G 156 14.67 21.81 -20.54
C THR G 156 14.59 21.22 -19.13
N CYS G 157 14.24 19.94 -19.03
CA CYS G 157 14.26 19.22 -17.77
C CYS G 157 15.28 18.09 -17.84
N ALA G 158 15.84 17.72 -16.70
CA ALA G 158 16.79 16.62 -16.67
C ALA G 158 16.68 15.80 -15.40
N VAL G 159 16.84 14.50 -15.54
CA VAL G 159 16.92 13.63 -14.39
C VAL G 159 17.89 12.48 -14.68
N LYS G 160 18.80 12.25 -13.74
CA LYS G 160 19.84 11.23 -13.88
C LYS G 160 19.41 9.91 -13.27
N PHE G 161 19.80 8.82 -13.94
CA PHE G 161 19.58 7.45 -13.42
C PHE G 161 20.89 6.75 -13.19
N GLY G 162 21.03 6.06 -12.07
CA GLY G 162 22.25 5.32 -11.81
C GLY G 162 22.03 4.38 -10.68
N SER G 163 22.97 3.49 -10.46
CA SER G 163 22.93 2.60 -9.32
C SER G 163 23.00 3.37 -8.01
N TRP G 164 22.20 2.95 -7.03
CA TRP G 164 22.19 3.61 -5.73
C TRP G 164 23.42 3.26 -4.90
N VAL G 165 23.94 2.04 -5.03
CA VAL G 165 25.05 1.62 -4.19
C VAL G 165 26.27 1.04 -4.95
N TYR G 166 26.14 0.73 -6.23
CA TYR G 166 27.27 0.11 -6.94
C TYR G 166 28.05 1.11 -7.76
N SER G 167 29.37 1.03 -7.66
CA SER G 167 30.26 1.85 -8.50
C SER G 167 30.34 1.28 -9.90
N GLY G 168 30.93 2.04 -10.81
CA GLY G 168 31.06 1.62 -12.20
C GLY G 168 31.94 0.40 -12.40
N PHE G 169 32.70 0.04 -11.39
CA PHE G 169 33.51 -1.16 -11.41
C PHE G 169 32.67 -2.40 -11.09
N GLU G 170 31.42 -2.20 -10.69
CA GLU G 170 30.59 -3.33 -10.33
C GLU G 170 29.37 -3.39 -11.24
N ILE G 171 28.77 -2.23 -11.47
CA ILE G 171 27.73 -2.08 -12.47
C ILE G 171 28.15 -1.01 -13.47
N ASP G 172 28.41 -1.43 -14.70
CA ASP G 172 28.61 -0.49 -15.79
C ASP G 172 27.25 -0.17 -16.41
N LEU G 173 26.93 1.11 -16.55
CA LEU G 173 25.68 1.54 -17.19
C LEU G 173 25.92 2.03 -18.60
N LYS G 174 25.09 1.62 -19.55
CA LYS G 174 25.20 2.13 -20.91
C LYS G 174 23.85 2.26 -21.59
N THR G 175 23.82 2.99 -22.70
CA THR G 175 22.63 3.02 -23.57
C THR G 175 22.98 2.41 -24.93
N ASP G 176 21.95 1.99 -25.67
CA ASP G 176 22.13 1.50 -27.03
C ASP G 176 22.08 2.65 -28.01
N THR G 177 21.38 3.71 -27.61
CA THR G 177 21.26 4.91 -28.43
C THR G 177 21.13 6.11 -27.51
N ASP G 178 21.52 7.29 -27.98
CA ASP G 178 21.39 8.50 -27.18
C ASP G 178 20.06 9.18 -27.42
N GLN G 179 19.25 8.61 -28.32
CA GLN G 179 17.94 9.18 -28.60
C GLN G 179 16.84 8.47 -27.81
N VAL G 180 16.09 9.23 -27.02
CA VAL G 180 14.90 8.69 -26.40
C VAL G 180 13.94 8.29 -27.52
N ASP G 181 13.35 7.10 -27.40
CA ASP G 181 12.35 6.65 -28.37
C ASP G 181 11.06 7.45 -28.23
N LEU G 182 10.72 8.22 -29.27
CA LEU G 182 9.53 9.07 -29.22
C LEU G 182 8.39 8.60 -30.10
N SER G 183 8.53 7.41 -30.68
CA SER G 183 7.55 6.95 -31.67
C SER G 183 6.17 6.67 -31.06
N SER G 184 6.10 6.55 -29.72
CA SER G 184 4.82 6.31 -29.06
C SER G 184 4.36 7.50 -28.23
N TYR G 185 5.03 8.63 -28.38
CA TYR G 185 4.63 9.80 -27.65
C TYR G 185 3.19 10.16 -28.04
N TYR G 186 2.36 10.42 -27.03
CA TYR G 186 0.92 10.62 -27.24
C TYR G 186 0.65 11.72 -28.29
N ALA G 187 -0.08 11.38 -29.34
CA ALA G 187 -0.27 12.28 -30.49
C ALA G 187 -1.04 13.56 -30.14
N SER G 188 -1.91 13.51 -29.13
CA SER G 188 -2.66 14.70 -28.71
C SER G 188 -2.16 15.28 -27.39
N SER G 189 -0.88 15.05 -27.09
CA SER G 189 -0.27 15.57 -25.87
C SER G 189 -0.38 17.09 -25.79
N LYS G 190 -0.41 17.59 -24.57
CA LYS G 190 -0.42 19.03 -24.34
C LYS G 190 0.93 19.64 -24.70
N TYR G 191 1.95 18.80 -24.80
CA TYR G 191 3.31 19.28 -25.01
C TYR G 191 3.94 18.71 -26.25
N GLU G 192 4.82 19.52 -26.85
CA GLU G 192 5.63 19.12 -27.99
C GLU G 192 7.04 18.84 -27.52
N ILE G 193 7.59 17.69 -27.90
CA ILE G 193 8.97 17.37 -27.53
C ILE G 193 9.91 18.00 -28.56
N LEU G 194 10.81 18.85 -28.09
CA LEU G 194 11.78 19.48 -28.99
C LEU G 194 13.01 18.61 -29.14
N SER G 195 13.41 17.97 -28.04
CA SER G 195 14.46 16.95 -28.05
C SER G 195 14.39 16.11 -26.79
N ALA G 196 14.83 14.87 -26.89
CA ALA G 196 14.84 13.98 -25.76
C ALA G 196 15.99 13.00 -25.92
N THR G 197 16.97 13.12 -25.03
CA THR G 197 18.15 12.28 -25.11
C THR G 197 18.46 11.57 -23.80
N GLN G 198 19.15 10.45 -23.94
CA GLN G 198 19.58 9.65 -22.80
C GLN G 198 21.08 9.38 -22.94
N THR G 199 21.89 10.05 -22.13
CA THR G 199 23.33 10.05 -22.35
C THR G 199 24.11 9.52 -21.16
N ARG G 200 24.96 8.54 -21.41
CA ARG G 200 25.86 8.00 -20.40
C ARG G 200 26.85 9.07 -19.96
N GLN G 201 26.99 9.26 -18.65
CA GLN G 201 27.97 10.21 -18.15
C GLN G 201 28.87 9.48 -17.16
N VAL G 202 30.16 9.75 -17.25
CA VAL G 202 31.10 9.12 -16.32
C VAL G 202 31.70 10.17 -15.42
N GLN G 203 31.73 9.87 -14.14
CA GLN G 203 32.23 10.78 -13.14
C GLN G 203 33.38 10.14 -12.37
N HIS G 204 34.49 10.87 -12.24
CA HIS G 204 35.55 10.45 -11.35
C HIS G 204 35.67 11.49 -10.25
N TYR G 205 35.88 11.02 -9.04
CA TYR G 205 36.08 11.95 -7.94
C TYR G 205 37.54 11.95 -7.55
N SER G 206 38.01 13.12 -7.15
CA SER G 206 39.43 13.36 -6.89
C SER G 206 40.02 12.31 -5.98
N CYS G 207 39.26 11.94 -4.95
CA CYS G 207 39.67 11.01 -3.92
C CYS G 207 39.81 9.55 -4.36
N CYS G 208 39.13 9.17 -5.43
CA CYS G 208 38.86 7.76 -5.65
C CYS G 208 39.03 7.33 -7.10
N PRO G 209 39.64 6.15 -7.30
CA PRO G 209 39.91 5.67 -8.66
C PRO G 209 38.66 5.13 -9.37
N GLU G 210 37.70 4.57 -8.63
CA GLU G 210 36.55 3.94 -9.28
C GLU G 210 35.61 5.00 -9.84
N PRO G 211 35.08 4.76 -11.05
CA PRO G 211 34.15 5.70 -11.70
C PRO G 211 32.71 5.57 -11.21
N TYR G 212 31.94 6.64 -11.32
CA TYR G 212 30.51 6.55 -11.02
C TYR G 212 29.75 6.97 -12.26
N ILE G 213 28.77 6.15 -12.61
CA ILE G 213 28.11 6.26 -13.90
C ILE G 213 26.62 6.53 -13.74
N ASP G 214 26.11 7.43 -14.56
CA ASP G 214 24.69 7.67 -14.64
C ASP G 214 24.27 7.81 -16.11
N VAL G 215 22.97 7.65 -16.35
CA VAL G 215 22.39 7.96 -17.66
C VAL G 215 21.55 9.21 -17.47
N ASN G 216 21.86 10.25 -18.21
CA ASN G 216 21.20 11.53 -18.04
C ASN G 216 20.04 11.66 -19.03
N LEU G 217 18.82 11.68 -18.51
CA LEU G 217 17.61 11.86 -19.32
C LEU G 217 17.31 13.35 -19.43
N VAL G 218 17.46 13.88 -20.64
CA VAL G 218 17.28 15.31 -20.88
C VAL G 218 16.16 15.54 -21.89
N VAL G 219 15.10 16.21 -21.43
CA VAL G 219 13.95 16.44 -22.29
C VAL G 219 13.68 17.93 -22.41
N LYS G 220 13.71 18.42 -23.64
CA LYS G 220 13.36 19.80 -23.95
C LYS G 220 11.96 19.83 -24.58
N PHE G 221 11.08 20.66 -24.06
CA PHE G 221 9.69 20.63 -24.52
C PHE G 221 9.01 21.98 -24.34
N ARG G 222 7.85 22.15 -24.99
CA ARG G 222 7.06 23.37 -24.88
C ARG G 222 5.58 23.04 -25.01
N GLU G 223 4.72 23.93 -24.53
CA GLU G 223 3.30 23.77 -24.75
C GLU G 223 2.98 23.81 -26.22
N ARG G 224 2.17 22.87 -26.69
CA ARG G 224 1.81 22.85 -28.11
C ARG G 224 0.72 23.88 -28.42
N ARG G 225 0.96 24.71 -29.43
CA ARG G 225 -0.10 25.57 -29.93
C ARG G 225 -0.46 25.20 -31.36
N GLY H 1 33.36 15.58 -4.64
CA GLY H 1 31.97 15.47 -4.20
C GLY H 1 31.56 14.04 -3.90
N CYS H 2 32.54 13.17 -3.64
CA CYS H 2 32.28 11.75 -3.38
C CYS H 2 31.26 11.56 -2.28
N CYS H 3 31.41 12.33 -1.20
CA CYS H 3 30.61 12.13 0.01
C CYS H 3 29.16 12.58 -0.19
N SER H 4 28.89 13.32 -1.26
CA SER H 4 27.51 13.71 -1.56
C SER H 4 26.82 12.69 -2.48
N HIS H 5 27.61 11.79 -3.05
CA HIS H 5 27.10 10.70 -3.89
C HIS H 5 27.05 9.42 -3.07
N PRO H 6 25.84 8.91 -2.80
CA PRO H 6 25.62 7.78 -1.89
C PRO H 6 26.46 6.54 -2.20
N ALA H 7 26.55 6.16 -3.46
CA ALA H 7 27.36 5.00 -3.82
C ALA H 7 28.84 5.25 -3.49
N CYS H 8 29.31 6.46 -3.75
CA CYS H 8 30.71 6.78 -3.49
C CYS H 8 30.96 6.84 -1.97
N ALA H 9 30.03 7.44 -1.24
CA ALA H 9 30.11 7.56 0.21
C ALA H 9 30.26 6.19 0.87
N GLY H 10 29.42 5.26 0.43
CA GLY H 10 29.46 3.90 0.95
C GLY H 10 30.75 3.18 0.66
N ASN H 11 31.41 3.57 -0.43
CA ASN H 11 32.68 2.97 -0.84
C ASN H 11 33.91 3.59 -0.21
N ASN H 12 33.74 4.75 0.40
CA ASN H 12 34.87 5.45 0.97
C ASN H 12 34.56 6.02 2.34
N GLN H 13 34.13 5.15 3.25
CA GLN H 13 33.62 5.59 4.54
C GLN H 13 34.71 6.17 5.44
N HIS H 14 35.97 5.82 5.17
CA HIS H 14 37.06 6.39 5.93
C HIS H 14 37.17 7.89 5.64
N ILE H 15 36.54 8.32 4.53
CA ILE H 15 36.47 9.74 4.17
C ILE H 15 35.09 10.32 4.43
N CYS H 16 34.06 9.50 4.22
CA CYS H 16 32.69 10.01 4.13
C CYS H 16 31.77 9.56 5.25
N SER I 19 34.43 -16.72 -7.07
CA SER I 19 34.53 -15.66 -6.07
C SER I 19 33.14 -15.10 -5.72
N GLN I 20 32.18 -15.34 -6.61
CA GLN I 20 30.76 -15.10 -6.30
C GLN I 20 30.35 -16.15 -5.27
N ALA I 21 31.04 -17.29 -5.30
CA ALA I 21 30.84 -18.38 -4.35
C ALA I 21 31.22 -17.96 -2.93
N ASN I 22 32.35 -17.27 -2.78
CA ASN I 22 32.79 -16.79 -1.48
C ASN I 22 31.81 -15.80 -0.84
N LEU I 23 31.24 -14.93 -1.65
CA LEU I 23 30.28 -13.94 -1.19
C LEU I 23 29.00 -14.61 -0.68
N MET I 24 28.49 -15.55 -1.45
CA MET I 24 27.32 -16.33 -1.03
C MET I 24 27.54 -16.94 0.35
N ARG I 25 28.72 -17.50 0.55
CA ARG I 25 29.06 -18.16 1.81
C ARG I 25 29.15 -17.17 2.96
N LEU I 26 29.73 -16.00 2.69
CA LEU I 26 29.84 -14.94 3.68
C LEU I 26 28.46 -14.51 4.19
N LYS I 27 27.56 -14.23 3.26
CA LYS I 27 26.22 -13.76 3.62
C LYS I 27 25.46 -14.84 4.39
N SER I 28 25.61 -16.10 3.96
CA SER I 28 25.09 -17.25 4.70
C SER I 28 25.57 -17.30 6.14
N ASP I 29 26.88 -17.18 6.35
CA ASP I 29 27.44 -17.26 7.70
C ASP I 29 26.90 -16.14 8.58
N LEU I 30 26.71 -14.97 7.98
CA LEU I 30 26.27 -13.79 8.72
C LEU I 30 24.78 -13.76 8.96
N PHE I 31 24.00 -14.16 7.96
CA PHE I 31 22.56 -13.97 8.04
C PHE I 31 21.77 -15.25 8.36
N ASN I 32 22.10 -16.34 7.67
CA ASN I 32 21.31 -17.57 7.83
C ASN I 32 21.72 -18.45 9.00
N ARG I 33 23.02 -18.60 9.24
CA ARG I 33 23.49 -19.41 10.37
C ARG I 33 23.38 -18.68 11.70
N SER I 34 23.47 -17.35 11.67
CA SER I 34 23.47 -16.59 12.91
C SER I 34 22.15 -15.84 12.98
N PRO I 35 21.66 -15.58 14.19
CA PRO I 35 20.41 -14.82 14.28
C PRO I 35 20.57 -13.33 14.00
N MET I 36 19.47 -12.69 13.59
CA MET I 36 19.47 -11.25 13.38
C MET I 36 19.73 -10.56 14.72
N TYR I 37 20.54 -9.52 14.68
CA TYR I 37 20.77 -8.62 15.81
C TYR I 37 19.43 -8.13 16.37
N PRO I 38 19.18 -8.34 17.65
CA PRO I 38 17.91 -7.99 18.32
C PRO I 38 17.87 -6.54 18.79
N GLY I 39 18.85 -5.75 18.37
CA GLY I 39 18.92 -4.36 18.79
C GLY I 39 19.88 -4.18 19.95
N PRO I 40 20.23 -2.93 20.27
CA PRO I 40 21.15 -2.61 21.35
C PRO I 40 20.53 -2.78 22.72
N THR I 41 21.37 -2.88 23.73
CA THR I 41 20.95 -2.97 25.13
C THR I 41 21.78 -1.99 25.94
N LYS I 42 21.56 -1.96 27.25
CA LYS I 42 22.28 -1.01 28.09
C LYS I 42 23.73 -1.49 28.22
N ASP I 43 23.89 -2.80 28.14
CA ASP I 43 25.19 -3.46 28.23
C ASP I 43 26.00 -3.40 26.94
N ASP I 44 25.32 -3.55 25.81
CA ASP I 44 25.97 -3.49 24.51
C ASP I 44 25.30 -2.40 23.67
N PRO I 45 25.62 -1.12 23.98
CA PRO I 45 25.00 0.03 23.33
C PRO I 45 25.52 0.22 21.93
N LEU I 46 24.99 1.21 21.24
CA LEU I 46 25.31 1.40 19.84
C LEU I 46 25.39 2.89 19.54
N THR I 47 26.30 3.28 18.65
CA THR I 47 26.34 4.66 18.16
C THR I 47 25.86 4.77 16.70
N VAL I 48 24.89 5.64 16.46
CA VAL I 48 24.43 5.89 15.10
C VAL I 48 24.83 7.29 14.68
N THR I 49 25.56 7.39 13.57
CA THR I 49 25.93 8.69 12.99
C THR I 49 24.93 9.06 11.89
N LEU I 50 24.41 10.28 11.96
CA LEU I 50 23.40 10.80 11.04
C LEU I 50 23.92 12.00 10.24
N GLY I 51 23.53 12.09 8.97
CA GLY I 51 23.87 13.24 8.16
C GLY I 51 22.83 13.44 7.08
N PHE I 52 22.52 14.70 6.78
CA PHE I 52 21.50 15.00 5.78
C PHE I 52 22.07 15.67 4.53
N THR I 53 21.52 15.28 3.39
CA THR I 53 21.76 15.94 2.11
C THR I 53 20.44 16.48 1.58
N LEU I 54 20.25 17.79 1.65
CA LEU I 54 18.98 18.38 1.25
C LEU I 54 18.95 18.60 -0.26
N GLN I 55 17.94 18.03 -0.92
CA GLN I 55 17.82 18.13 -2.38
C GLN I 55 16.91 19.27 -2.80
N ASP I 56 15.77 19.40 -2.12
CA ASP I 56 14.86 20.51 -2.41
C ASP I 56 13.81 20.66 -1.32
N ILE I 57 13.30 21.87 -1.21
CA ILE I 57 12.08 22.12 -0.48
C ILE I 57 10.99 22.05 -1.54
N VAL I 58 10.18 21.00 -1.51
CA VAL I 58 9.29 20.70 -2.63
C VAL I 58 7.84 21.16 -2.43
N LYS I 59 7.49 21.56 -1.21
CA LYS I 59 6.15 22.10 -1.00
C LYS I 59 6.15 22.95 0.24
N VAL I 60 5.45 24.08 0.17
CA VAL I 60 5.28 24.99 1.30
C VAL I 60 3.80 25.34 1.36
N ASP I 61 3.13 24.97 2.43
CA ASP I 61 1.69 25.14 2.53
C ASP I 61 1.33 26.03 3.72
N SER I 62 1.02 27.30 3.44
CA SER I 62 0.76 28.28 4.51
C SER I 62 -0.63 28.11 5.14
N SER I 63 -1.53 27.39 4.48
CA SER I 63 -2.87 27.21 5.04
C SER I 63 -2.91 26.12 6.12
N THR I 64 -2.00 25.15 6.06
CA THR I 64 -1.99 24.07 7.04
C THR I 64 -0.71 24.02 7.87
N ASN I 65 0.23 24.90 7.54
CA ASN I 65 1.55 24.96 8.18
C ASN I 65 2.29 23.65 8.01
N GLU I 66 2.45 23.24 6.76
CA GLU I 66 3.16 22.03 6.39
C GLU I 66 4.23 22.34 5.35
N VAL I 67 5.42 21.82 5.55
CA VAL I 67 6.49 21.94 4.57
C VAL I 67 7.00 20.56 4.18
N ASP I 68 7.27 20.35 2.89
CA ASP I 68 7.79 19.07 2.41
C ASP I 68 9.25 19.19 1.95
N LEU I 69 10.10 18.29 2.44
CA LEU I 69 11.50 18.23 2.00
C LEU I 69 11.80 16.94 1.25
N VAL I 70 12.74 16.99 0.31
CA VAL I 70 13.32 15.78 -0.24
C VAL I 70 14.81 15.78 0.12
N TYR I 71 15.27 14.70 0.75
CA TYR I 71 16.67 14.61 1.17
C TYR I 71 17.20 13.18 1.14
N TYR I 72 18.52 13.05 1.22
CA TYR I 72 19.17 11.78 1.47
C TYR I 72 19.57 11.79 2.94
N GLU I 73 19.26 10.70 3.64
CA GLU I 73 19.60 10.58 5.05
C GLU I 73 20.68 9.52 5.19
N GLN I 74 21.90 9.93 5.49
CA GLN I 74 22.97 8.97 5.65
C GLN I 74 23.03 8.49 7.09
N GLN I 75 22.94 7.18 7.28
CA GLN I 75 22.99 6.58 8.60
C GLN I 75 24.14 5.60 8.66
N ARG I 76 24.88 5.62 9.76
CA ARG I 76 26.02 4.73 9.90
C ARG I 76 26.11 4.19 11.33
N TRP I 77 26.32 2.87 11.45
CA TRP I 77 26.57 2.24 12.75
C TRP I 77 27.49 1.03 12.56
N LYS I 78 27.85 0.39 13.66
CA LYS I 78 28.80 -0.71 13.63
C LYS I 78 28.35 -1.84 14.56
N LEU I 79 28.32 -3.07 14.06
CA LEU I 79 27.95 -4.23 14.87
C LEU I 79 29.09 -5.24 14.97
N ASN I 80 29.42 -5.67 16.18
CA ASN I 80 30.42 -6.70 16.38
C ASN I 80 29.99 -7.99 15.67
N SER I 81 28.68 -8.22 15.66
CA SER I 81 28.10 -9.41 15.07
C SER I 81 28.13 -9.43 13.56
N LEU I 82 28.59 -8.34 12.94
CA LEU I 82 28.69 -8.31 11.48
C LEU I 82 30.16 -8.27 11.01
N MET I 83 31.09 -8.50 11.92
CA MET I 83 32.52 -8.52 11.57
C MET I 83 32.94 -9.84 10.93
N TRP I 84 33.93 -9.78 10.05
CA TRP I 84 34.55 -11.01 9.54
C TRP I 84 35.99 -10.75 9.09
N ASP I 85 36.73 -11.82 8.87
CA ASP I 85 38.10 -11.76 8.36
C ASP I 85 38.08 -12.00 6.86
N PRO I 86 38.45 -10.98 6.07
CA PRO I 86 38.50 -11.10 4.61
C PRO I 86 39.36 -12.28 4.14
N ASN I 87 40.40 -12.64 4.89
CA ASN I 87 41.25 -13.76 4.48
C ASN I 87 40.51 -15.09 4.49
N GLU I 88 39.43 -15.15 5.27
CA GLU I 88 38.63 -16.36 5.35
C GLU I 88 37.49 -16.35 4.33
N TYR I 89 37.42 -15.30 3.52
CA TYR I 89 36.31 -15.14 2.58
C TYR I 89 36.78 -14.53 1.26
N GLY I 90 37.87 -15.07 0.72
CA GLY I 90 38.36 -14.65 -0.58
C GLY I 90 38.74 -13.18 -0.66
N ASN I 91 39.22 -12.65 0.46
CA ASN I 91 39.62 -11.25 0.59
C ASN I 91 38.49 -10.24 0.33
N ILE I 92 37.26 -10.68 0.53
CA ILE I 92 36.12 -9.76 0.45
C ILE I 92 36.12 -8.88 1.68
N THR I 93 36.08 -7.56 1.46
CA THR I 93 36.19 -6.57 2.55
C THR I 93 34.87 -5.88 2.88
N ASP I 94 33.91 -6.00 1.97
CA ASP I 94 32.60 -5.37 2.12
C ASP I 94 31.61 -5.98 1.16
N PHE I 95 30.32 -5.79 1.41
CA PHE I 95 29.30 -6.20 0.45
C PHE I 95 28.02 -5.39 0.61
N ARG I 96 27.15 -5.42 -0.39
CA ARG I 96 25.86 -4.77 -0.32
C ARG I 96 24.74 -5.77 -0.22
N THR I 97 23.72 -5.42 0.56
CA THR I 97 22.60 -6.32 0.79
C THR I 97 21.34 -5.55 1.14
N SER I 98 20.19 -6.16 0.90
CA SER I 98 18.92 -5.54 1.23
C SER I 98 18.87 -5.13 2.69
N ALA I 99 18.30 -3.96 2.95
CA ALA I 99 18.17 -3.47 4.31
C ALA I 99 17.28 -4.40 5.14
N ALA I 100 16.46 -5.20 4.46
CA ALA I 100 15.63 -6.19 5.13
C ALA I 100 16.46 -7.32 5.74
N ASP I 101 17.66 -7.56 5.20
CA ASP I 101 18.53 -8.62 5.71
C ASP I 101 19.17 -8.28 7.04
N ILE I 102 19.12 -7.00 7.42
CA ILE I 102 19.80 -6.56 8.64
C ILE I 102 18.93 -5.73 9.55
N TRP I 103 19.35 -5.63 10.80
CA TRP I 103 18.77 -4.68 11.74
C TRP I 103 19.07 -3.26 11.29
N THR I 104 18.07 -2.38 11.42
CA THR I 104 18.27 -0.95 11.18
C THR I 104 17.70 -0.16 12.36
N PRO I 105 18.29 1.02 12.65
CA PRO I 105 17.85 1.79 13.81
C PRO I 105 16.52 2.50 13.58
N ASP I 106 15.78 2.74 14.66
CA ASP I 106 14.45 3.34 14.60
C ASP I 106 14.48 4.86 14.65
N ILE I 107 15.38 5.48 13.88
CA ILE I 107 15.47 6.94 13.88
C ILE I 107 14.27 7.57 13.18
N THR I 108 13.63 8.54 13.85
CA THR I 108 12.37 9.11 13.35
C THR I 108 12.32 10.64 13.48
N ALA I 109 11.72 11.30 12.49
CA ALA I 109 11.34 12.71 12.64
C ALA I 109 10.21 12.78 13.66
N TYR I 110 10.29 13.69 14.63
CA TYR I 110 9.30 13.76 15.70
C TYR I 110 8.06 14.59 15.37
N SER I 111 8.14 15.40 14.32
CA SER I 111 7.00 16.26 13.98
C SER I 111 6.56 16.11 12.52
N SER I 112 6.67 14.89 11.99
CA SER I 112 6.13 14.66 10.65
C SER I 112 4.60 14.74 10.72
N THR I 113 3.97 15.01 9.58
CA THR I 113 2.52 15.11 9.49
C THR I 113 1.94 14.03 8.57
N ARG I 114 2.83 13.32 7.88
CA ARG I 114 2.44 12.26 6.93
C ARG I 114 3.49 11.17 7.01
N PRO I 115 3.12 9.92 6.66
CA PRO I 115 4.15 8.87 6.62
C PRO I 115 5.29 9.28 5.69
N VAL I 116 6.53 9.03 6.09
CA VAL I 116 7.66 9.35 5.22
C VAL I 116 7.63 8.48 3.94
N GLN I 117 7.94 9.07 2.79
CA GLN I 117 8.01 8.27 1.58
C GLN I 117 9.46 8.00 1.18
N VAL I 118 9.74 6.74 0.87
CA VAL I 118 11.09 6.30 0.53
C VAL I 118 11.25 6.35 -0.98
N LEU I 119 12.33 6.99 -1.42
CA LEU I 119 12.53 7.28 -2.84
C LEU I 119 13.63 6.46 -3.47
N SER I 120 14.32 5.67 -2.67
CA SER I 120 15.48 4.95 -3.16
C SER I 120 15.39 3.49 -2.77
N PRO I 121 16.16 2.63 -3.45
CA PRO I 121 16.24 1.23 -3.02
C PRO I 121 16.71 1.18 -1.59
N GLN I 122 16.31 0.16 -0.84
CA GLN I 122 16.76 0.08 0.53
C GLN I 122 17.81 -1.00 0.63
N ILE I 123 19.03 -0.57 0.38
CA ILE I 123 20.21 -1.43 0.33
C ILE I 123 21.25 -0.78 1.22
N ALA I 124 21.90 -1.59 2.04
CA ALA I 124 22.94 -1.13 2.94
C ALA I 124 24.30 -1.68 2.50
N VAL I 125 25.35 -1.00 2.93
CA VAL I 125 26.71 -1.46 2.67
C VAL I 125 27.29 -1.97 3.99
N VAL I 126 27.75 -3.21 3.98
CA VAL I 126 28.32 -3.82 5.17
C VAL I 126 29.82 -4.02 4.93
N THR I 127 30.66 -3.58 5.85
CA THR I 127 32.10 -3.77 5.72
C THR I 127 32.60 -4.74 6.80
N HIS I 128 33.76 -5.31 6.56
CA HIS I 128 34.25 -6.41 7.38
C HIS I 128 34.56 -6.05 8.84
N ASP I 129 34.69 -4.77 9.14
CA ASP I 129 34.88 -4.35 10.53
C ASP I 129 33.52 -4.22 11.25
N GLY I 130 32.45 -4.60 10.56
CA GLY I 130 31.11 -4.56 11.13
C GLY I 130 30.35 -3.27 10.89
N SER I 131 30.94 -2.35 10.12
CA SER I 131 30.31 -1.07 9.81
C SER I 131 29.12 -1.23 8.88
N VAL I 132 28.06 -0.48 9.12
CA VAL I 132 26.95 -0.47 8.17
C VAL I 132 26.66 0.97 7.76
N MET I 133 26.53 1.20 6.47
CA MET I 133 26.10 2.51 6.01
C MET I 133 24.85 2.30 5.18
N PHE I 134 23.85 3.13 5.46
CA PHE I 134 22.51 2.99 4.90
C PHE I 134 22.04 4.39 4.56
N ILE I 135 21.73 4.64 3.28
CA ILE I 135 21.43 6.00 2.83
C ILE I 135 20.13 6.13 2.03
N PRO I 136 18.99 6.10 2.73
CA PRO I 136 17.69 6.25 2.07
C PRO I 136 17.37 7.69 1.64
N ALA I 137 16.91 7.83 0.40
CA ALA I 137 16.33 9.08 -0.10
C ALA I 137 14.89 9.14 0.36
N GLN I 138 14.44 10.31 0.81
CA GLN I 138 13.13 10.42 1.43
C GLN I 138 12.41 11.73 1.10
N ARG I 139 11.09 11.66 1.06
CA ARG I 139 10.24 12.84 1.07
C ARG I 139 9.55 12.94 2.41
N LEU I 140 9.76 14.07 3.09
CA LEU I 140 9.19 14.27 4.43
C LEU I 140 8.26 15.47 4.48
N SER I 141 7.05 15.28 4.99
CA SER I 141 6.14 16.38 5.34
C SER I 141 6.19 16.63 6.85
N PHE I 142 6.42 17.88 7.26
CA PHE I 142 6.53 18.16 8.70
C PHE I 142 5.94 19.51 9.06
N MET I 143 5.76 19.74 10.36
CA MET I 143 5.07 20.94 10.85
C MET I 143 5.95 22.17 10.72
N CYS I 144 5.47 23.16 9.98
CA CYS I 144 6.20 24.41 9.87
C CYS I 144 5.33 25.55 9.39
N ASP I 145 5.26 26.61 10.18
CA ASP I 145 4.65 27.87 9.75
C ASP I 145 5.61 28.65 8.87
N PRO I 146 5.32 28.77 7.57
CA PRO I 146 6.24 29.39 6.61
C PRO I 146 6.06 30.91 6.48
N THR I 147 5.27 31.52 7.37
CA THR I 147 5.07 32.98 7.33
C THR I 147 6.43 33.67 7.35
N GLY I 148 6.67 34.53 6.36
CA GLY I 148 7.94 35.21 6.25
C GLY I 148 8.83 34.63 5.16
N VAL I 149 8.36 33.59 4.48
CA VAL I 149 9.14 32.96 3.41
C VAL I 149 9.29 33.92 2.24
N ASP I 150 8.29 34.78 2.04
CA ASP I 150 8.31 35.71 0.93
C ASP I 150 8.98 37.03 1.33
N SER I 151 9.75 36.97 2.42
CA SER I 151 10.44 38.16 2.89
C SER I 151 11.96 38.01 2.78
N GLU I 152 12.66 39.10 3.06
CA GLU I 152 14.10 39.17 2.96
C GLU I 152 14.79 38.33 4.04
N GLU I 153 14.24 38.40 5.25
CA GLU I 153 14.73 37.62 6.37
C GLU I 153 14.50 36.12 6.19
N GLY I 154 13.45 35.78 5.47
CA GLY I 154 13.06 34.39 5.28
C GLY I 154 12.36 33.80 6.50
N VAL I 155 12.42 32.48 6.62
CA VAL I 155 11.73 31.79 7.71
C VAL I 155 12.57 30.61 8.14
N THR I 156 12.46 30.24 9.42
CA THR I 156 13.19 29.09 9.92
C THR I 156 12.23 27.95 10.24
N CYS I 157 12.56 26.77 9.73
CA CYS I 157 11.84 25.55 10.05
C CYS I 157 12.79 24.60 10.77
N ALA I 158 12.25 23.77 11.64
CA ALA I 158 13.05 22.78 12.34
C ALA I 158 12.29 21.47 12.52
N VAL I 159 13.00 20.38 12.40
CA VAL I 159 12.43 19.07 12.68
C VAL I 159 13.49 18.20 13.34
N LYS I 160 13.11 17.57 14.44
CA LYS I 160 14.04 16.74 15.23
C LYS I 160 14.00 15.28 14.80
N PHE I 161 15.17 14.66 14.76
CA PHE I 161 15.27 13.23 14.48
C PHE I 161 15.86 12.52 15.67
N GLY I 162 15.28 11.37 16.03
CA GLY I 162 15.81 10.59 17.13
C GLY I 162 15.19 9.21 17.19
N SER I 163 15.76 8.34 18.01
CA SER I 163 15.18 7.03 18.23
C SER I 163 13.81 7.16 18.88
N TRP I 164 12.85 6.36 18.43
CA TRP I 164 11.51 6.39 18.99
C TRP I 164 11.42 5.70 20.35
N VAL I 165 12.23 4.67 20.56
CA VAL I 165 12.10 3.86 21.78
C VAL I 165 13.38 3.65 22.58
N TYR I 166 14.54 4.03 22.01
CA TYR I 166 15.81 3.83 22.72
C TYR I 166 16.36 5.12 23.30
N SER I 167 16.79 5.06 24.56
CA SER I 167 17.46 6.19 25.18
C SER I 167 18.92 6.30 24.73
N GLY I 168 19.56 7.41 25.09
CA GLY I 168 20.95 7.65 24.75
C GLY I 168 21.93 6.67 25.39
N PHE I 169 21.46 5.91 26.38
CA PHE I 169 22.29 4.86 26.96
C PHE I 169 22.26 3.59 26.10
N GLU I 170 21.44 3.57 25.06
CA GLU I 170 21.37 2.40 24.17
C GLU I 170 21.67 2.73 22.73
N ILE I 171 21.15 3.85 22.26
CA ILE I 171 21.54 4.35 20.96
C ILE I 171 22.08 5.74 21.20
N ASP I 172 23.39 5.90 21.02
CA ASP I 172 23.99 7.22 21.03
C ASP I 172 23.90 7.75 19.59
N LEU I 173 23.39 8.96 19.43
CA LEU I 173 23.31 9.61 18.12
C LEU I 173 24.38 10.65 17.93
N LYS I 174 25.02 10.71 16.77
CA LYS I 174 25.98 11.80 16.52
C LYS I 174 25.93 12.27 15.06
N THR I 175 26.55 13.42 14.82
CA THR I 175 26.77 13.88 13.46
C THR I 175 28.25 14.01 13.18
N ASP I 176 28.62 14.02 11.91
CA ASP I 176 30.02 14.26 11.55
C ASP I 176 30.27 15.75 11.37
N THR I 177 29.20 16.47 11.04
CA THR I 177 29.28 17.91 10.86
C THR I 177 27.96 18.54 11.26
N ASP I 178 28.00 19.80 11.66
CA ASP I 178 26.75 20.49 12.00
C ASP I 178 26.16 21.19 10.76
N GLN I 179 26.85 21.08 9.64
CA GLN I 179 26.35 21.67 8.38
C GLN I 179 25.67 20.64 7.48
N VAL I 180 24.41 20.87 7.13
CA VAL I 180 23.70 20.05 6.14
C VAL I 180 24.37 20.14 4.76
N ASP I 181 24.55 18.99 4.10
CA ASP I 181 25.12 18.96 2.76
C ASP I 181 24.18 19.61 1.75
N LEU I 182 24.61 20.73 1.19
CA LEU I 182 23.82 21.46 0.22
C LEU I 182 24.41 21.36 -1.18
N SER I 183 25.42 20.51 -1.38
CA SER I 183 26.10 20.48 -2.67
C SER I 183 25.20 19.95 -3.80
N SER I 184 24.12 19.26 -3.42
CA SER I 184 23.18 18.70 -4.40
C SER I 184 21.82 19.38 -4.38
N TYR I 185 21.71 20.51 -3.68
CA TYR I 185 20.45 21.24 -3.62
C TYR I 185 20.07 21.72 -5.02
N TYR I 186 18.82 21.50 -5.41
CA TYR I 186 18.37 21.74 -6.79
C TYR I 186 18.64 23.18 -7.25
N ALA I 187 19.36 23.31 -8.36
CA ALA I 187 19.84 24.60 -8.82
C ALA I 187 18.70 25.56 -9.16
N SER I 188 17.56 25.04 -9.60
CA SER I 188 16.44 25.91 -9.96
C SER I 188 15.28 25.87 -8.95
N SER I 189 15.59 25.56 -7.70
CA SER I 189 14.60 25.53 -6.62
C SER I 189 13.85 26.85 -6.46
N LYS I 190 12.60 26.80 -6.03
CA LYS I 190 11.84 28.01 -5.77
C LYS I 190 12.37 28.74 -4.54
N TYR I 191 13.17 28.03 -3.74
CA TYR I 191 13.63 28.60 -2.47
C TYR I 191 15.15 28.64 -2.41
N GLU I 192 15.65 29.65 -1.72
CA GLU I 192 17.06 29.76 -1.46
C GLU I 192 17.34 29.39 -0.01
N ILE I 193 18.32 28.52 0.22
CA ILE I 193 18.68 28.14 1.58
C ILE I 193 19.65 29.16 2.18
N LEU I 194 19.25 29.78 3.29
CA LEU I 194 20.11 30.76 3.95
C LEU I 194 21.04 30.06 4.93
N SER I 195 20.52 29.02 5.59
CA SER I 195 21.34 28.15 6.42
C SER I 195 20.62 26.84 6.68
N ALA I 196 21.40 25.79 6.88
CA ALA I 196 20.85 24.47 7.13
C ALA I 196 21.82 23.74 8.02
N THR I 197 21.41 23.47 9.27
CA THR I 197 22.30 22.83 10.22
C THR I 197 21.70 21.58 10.80
N GLN I 198 22.54 20.66 11.24
CA GLN I 198 22.11 19.42 11.85
C GLN I 198 22.84 19.26 13.18
N THR I 199 22.13 19.50 14.27
CA THR I 199 22.79 19.63 15.56
C THR I 199 22.30 18.61 16.57
N ARG I 200 23.27 17.88 17.13
CA ARG I 200 23.02 16.95 18.21
C ARG I 200 22.61 17.71 19.47
N GLN I 201 21.53 17.26 20.09
CA GLN I 201 21.08 17.82 21.36
C GLN I 201 20.90 16.72 22.38
N VAL I 202 21.34 16.97 23.62
CA VAL I 202 21.20 16.02 24.70
C VAL I 202 20.27 16.59 25.76
N GLN I 203 19.31 15.78 26.19
CA GLN I 203 18.34 16.19 27.19
C GLN I 203 18.25 15.21 28.34
N HIS I 204 18.20 15.73 29.55
CA HIS I 204 17.95 14.93 30.75
C HIS I 204 16.64 15.34 31.41
N TYR I 205 15.95 14.36 31.98
CA TYR I 205 14.75 14.65 32.77
C TYR I 205 15.03 14.33 34.23
N SER I 206 14.48 15.15 35.13
CA SER I 206 14.76 15.07 36.57
C SER I 206 14.55 13.66 37.15
N CYS I 207 13.51 12.99 36.68
CA CYS I 207 13.14 11.68 37.21
C CYS I 207 14.18 10.61 36.92
N CYS I 208 14.97 10.81 35.87
CA CYS I 208 15.69 9.69 35.24
C CYS I 208 17.12 10.05 34.87
N PRO I 209 18.03 9.08 35.07
CA PRO I 209 19.47 9.26 34.82
C PRO I 209 19.85 9.23 33.34
N GLU I 210 19.11 8.48 32.51
CA GLU I 210 19.49 8.30 31.11
C GLU I 210 19.21 9.53 30.24
N PRO I 211 20.15 9.85 29.34
CA PRO I 211 19.98 11.03 28.48
C PRO I 211 19.12 10.70 27.27
N TYR I 212 18.46 11.71 26.71
CA TYR I 212 17.74 11.52 25.46
C TYR I 212 18.31 12.46 24.41
N ILE I 213 18.61 11.89 23.24
CA ILE I 213 19.36 12.58 22.23
C ILE I 213 18.59 12.74 20.93
N ASP I 214 18.67 13.92 20.33
CA ASP I 214 18.14 14.10 18.99
C ASP I 214 19.08 14.92 18.14
N VAL I 215 18.86 14.83 16.84
CA VAL I 215 19.52 15.72 15.90
C VAL I 215 18.46 16.66 15.34
N ASN I 216 18.70 17.95 15.53
CA ASN I 216 17.78 18.99 15.13
C ASN I 216 18.13 19.50 13.75
N LEU I 217 17.23 19.26 12.79
CA LEU I 217 17.41 19.74 11.44
C LEU I 217 16.77 21.12 11.35
N VAL I 218 17.59 22.16 11.23
CA VAL I 218 17.08 23.51 11.21
C VAL I 218 17.44 24.17 9.89
N VAL I 219 16.41 24.56 9.13
CA VAL I 219 16.62 25.13 7.82
C VAL I 219 15.99 26.52 7.75
N LYS I 220 16.82 27.51 7.44
CA LYS I 220 16.34 28.87 7.22
C LYS I 220 16.33 29.12 5.72
N PHE I 221 15.20 29.57 5.19
CA PHE I 221 15.06 29.71 3.73
C PHE I 221 14.08 30.80 3.32
N ARG I 222 14.10 31.16 2.05
CA ARG I 222 13.22 32.18 1.50
C ARG I 222 12.96 31.96 0.03
N GLU I 223 11.89 32.55 -0.49
CA GLU I 223 11.61 32.51 -1.93
C GLU I 223 12.76 33.17 -2.62
N ARG I 224 13.25 32.60 -3.73
CA ARG I 224 14.45 33.18 -4.33
C ARG I 224 14.16 34.50 -5.01
N ARG I 225 15.09 35.42 -4.75
CA ARG I 225 15.14 36.73 -5.37
C ARG I 225 15.61 36.63 -6.83
N GLY J 1 8.23 16.38 32.34
CA GLY J 1 8.85 16.38 31.03
C GLY J 1 9.02 15.00 30.43
N CYS J 2 9.46 14.04 31.24
CA CYS J 2 9.75 12.69 30.75
C CYS J 2 8.60 12.01 30.05
N CYS J 3 7.41 12.10 30.64
CA CYS J 3 6.29 11.33 30.15
C CYS J 3 5.74 11.83 28.81
N SER J 4 6.17 13.02 28.40
CA SER J 4 5.75 13.55 27.09
C SER J 4 6.70 13.11 25.96
N HIS J 5 7.85 12.57 26.33
CA HIS J 5 8.78 12.05 25.33
C HIS J 5 8.61 10.53 25.32
N PRO J 6 8.11 10.00 24.18
CA PRO J 6 7.73 8.57 24.07
C PRO J 6 8.82 7.59 24.48
N ALA J 7 10.06 7.81 24.04
CA ALA J 7 11.15 6.92 24.44
C ALA J 7 11.34 6.98 25.96
N CYS J 8 11.24 8.18 26.52
CA CYS J 8 11.38 8.31 27.96
C CYS J 8 10.19 7.67 28.68
N ALA J 9 8.99 7.90 28.17
CA ALA J 9 7.79 7.29 28.76
C ALA J 9 7.91 5.77 28.80
N GLY J 10 8.30 5.19 27.67
CA GLY J 10 8.42 3.75 27.54
C GLY J 10 9.52 3.16 28.41
N ASN J 11 10.50 3.99 28.75
CA ASN J 11 11.63 3.55 29.55
C ASN J 11 11.31 3.61 31.04
N ASN J 12 10.24 4.32 31.39
CA ASN J 12 9.88 4.56 32.78
C ASN J 12 8.38 4.38 33.00
N GLN J 13 7.87 3.19 32.72
CA GLN J 13 6.43 2.96 32.67
C GLN J 13 5.76 3.07 34.05
N HIS J 14 6.54 2.85 35.11
CA HIS J 14 6.04 2.98 36.48
C HIS J 14 5.74 4.43 36.88
N ILE J 15 6.27 5.39 36.14
CA ILE J 15 6.00 6.80 36.41
C ILE J 15 5.06 7.37 35.35
N CYS J 16 5.13 6.81 34.15
CA CYS J 16 4.48 7.43 32.98
C CYS J 16 3.29 6.64 32.48
#